data_3LSS
#
_entry.id   3LSS
#
_cell.length_a   175.652
_cell.length_b   175.652
_cell.length_c   248.518
_cell.angle_alpha   90.00
_cell.angle_beta   90.00
_cell.angle_gamma   120.00
#
_symmetry.space_group_name_H-M   'H 3 2'
#
loop_
_entity.id
_entity.type
_entity.pdbx_description
1 polymer 'Seryl-tRNA synthetase'
2 non-polymer "ADENOSINE-5'-TRIPHOSPHATE"
3 non-polymer 'MALONATE ION'
4 non-polymer 'SODIUM ION'
5 water water
#
_entity_poly.entity_id   1
_entity_poly.type   'polypeptide(L)'
_entity_poly.pdbx_seq_one_letter_code
;GPGSMMVLDIQLFRDETGANIIRESQRRRFADPDIVDAIIEADKKWRRTQFLTEASKKLINICSKAVGAKKKAKEADGDT
SEIPPQVKEAYENGTLKGEQVEQLCVLQLKQLSKDLSDQVAGLAKEAQQLEEERDKLMLNVGNILHESVPIAQDEETGNT
VVRTFGNTTKRAKLNHVSIMERLGMMDTSKAVTSMAGGRSYVLKGGLVQLQVALVSYSLDFLVKRGYTPFYPPFFLNRDV
MGEVAQLSQFDEELYQVSGDGDKKYLIATSEMPIAAYHRGRWFTELKEPLKYAGMSTCFRKEAGAHGRDTLGIFRVHQFD
KIEQFVVCSPRQEESWRHLEDMITTSEEFNKSLGLPYRVVNICSGALNNAAAKKYDLEAWFPASGAFRELVSCSNCTDYQ
SQSVNCRYGPNLRGTAAQNVKEYCHMLNGTLCAITRTMCCICENYQTEEGVVIPDVLRPYMMGIEMIRFENNAQAEGTTP
DKGE
;
_entity_poly.pdbx_strand_id   A,B
#
# COMPACT_ATOMS: atom_id res chain seq x y z
N GLY A 3 -16.87 -0.68 -17.71
CA GLY A 3 -17.19 -1.55 -18.88
C GLY A 3 -16.57 -2.94 -18.77
N SER A 4 -15.25 -3.00 -18.91
CA SER A 4 -14.51 -4.27 -19.10
C SER A 4 -14.76 -5.33 -18.02
N MET A 5 -14.78 -6.59 -18.43
CA MET A 5 -14.96 -7.72 -17.52
C MET A 5 -14.39 -9.01 -18.11
N MET A 6 -13.83 -9.84 -17.25
CA MET A 6 -13.19 -11.08 -17.68
C MET A 6 -14.19 -12.24 -17.75
N VAL A 7 -14.49 -12.71 -18.97
CA VAL A 7 -15.41 -13.82 -19.22
C VAL A 7 -14.84 -14.79 -20.28
N LEU A 8 -15.50 -15.95 -20.45
CA LEU A 8 -15.09 -17.01 -21.42
C LEU A 8 -15.11 -16.58 -22.92
N ASP A 9 -14.24 -17.19 -23.74
CA ASP A 9 -14.12 -16.91 -25.20
C ASP A 9 -15.44 -17.18 -25.93
N ILE A 10 -15.95 -16.22 -26.70
CA ILE A 10 -17.20 -16.39 -27.45
C ILE A 10 -17.08 -17.47 -28.52
N GLN A 11 -15.88 -17.69 -29.06
CA GLN A 11 -15.68 -18.63 -30.19
C GLN A 11 -16.19 -20.05 -29.92
N LEU A 12 -16.08 -20.47 -28.67
CA LEU A 12 -16.40 -21.83 -28.30
C LEU A 12 -17.93 -22.06 -28.40
N PHE A 13 -18.69 -20.98 -28.25
CA PHE A 13 -20.15 -21.02 -28.33
C PHE A 13 -20.69 -21.16 -29.76
N ARG A 14 -19.89 -20.82 -30.77
CA ARG A 14 -20.42 -20.66 -32.15
C ARG A 14 -20.40 -21.95 -32.96
N ASP A 15 -20.26 -23.06 -32.27
CA ASP A 15 -20.13 -24.37 -32.88
C ASP A 15 -20.97 -25.29 -32.01
N GLU A 16 -21.79 -26.14 -32.62
CA GLU A 16 -22.62 -27.08 -31.87
C GLU A 16 -21.82 -27.92 -30.85
N THR A 17 -20.67 -28.45 -31.27
CA THR A 17 -19.83 -29.28 -30.42
C THR A 17 -19.27 -28.50 -29.26
N GLY A 18 -18.90 -27.24 -29.49
CA GLY A 18 -18.39 -26.38 -28.42
C GLY A 18 -19.49 -25.97 -27.46
N ALA A 19 -20.69 -25.69 -27.98
CA ALA A 19 -21.81 -25.32 -27.12
C ALA A 19 -22.15 -26.47 -26.19
N ASN A 20 -22.13 -27.71 -26.71
CA ASN A 20 -22.36 -28.89 -25.85
C ASN A 20 -21.26 -29.11 -24.79
N ILE A 21 -20.00 -28.83 -25.13
CA ILE A 21 -18.90 -28.88 -24.16
C ILE A 21 -19.17 -27.89 -23.03
N ILE A 22 -19.62 -26.69 -23.36
CA ILE A 22 -19.91 -25.68 -22.36
C ILE A 22 -21.13 -26.02 -21.50
N ARG A 23 -22.19 -26.55 -22.11
CA ARG A 23 -23.37 -26.98 -21.35
C ARG A 23 -22.99 -28.08 -20.39
N GLU A 24 -22.22 -29.06 -20.86
CA GLU A 24 -21.76 -30.13 -19.97
C GLU A 24 -20.95 -29.56 -18.81
N SER A 25 -19.98 -28.69 -19.09
CA SER A 25 -19.18 -28.09 -18.03
C SER A 25 -20.04 -27.28 -17.05
N GLN A 26 -21.05 -26.59 -17.56
CA GLN A 26 -21.99 -25.86 -16.69
C GLN A 26 -22.72 -26.79 -15.73
N ARG A 27 -23.26 -27.91 -16.22
CA ARG A 27 -23.95 -28.86 -15.36
C ARG A 27 -22.99 -29.40 -14.30
N ARG A 28 -21.79 -29.75 -14.70
CA ARG A 28 -20.78 -30.34 -13.79
C ARG A 28 -20.27 -29.35 -12.71
N ARG A 29 -20.37 -28.06 -13.01
CA ARG A 29 -20.12 -26.99 -12.07
C ARG A 29 -21.32 -26.65 -11.21
N PHE A 30 -22.46 -27.32 -11.41
CA PHE A 30 -23.73 -26.97 -10.79
C PHE A 30 -24.17 -25.57 -11.17
N ALA A 31 -23.93 -25.21 -12.42
CA ALA A 31 -24.30 -23.90 -12.94
C ALA A 31 -25.37 -24.11 -14.01
N ASP A 32 -25.93 -23.04 -14.55
CA ASP A 32 -27.04 -23.14 -15.51
C ASP A 32 -26.57 -23.42 -16.95
N PRO A 33 -26.91 -24.60 -17.51
CA PRO A 33 -26.55 -24.86 -18.91
C PRO A 33 -27.44 -24.09 -19.91
N ASP A 34 -28.69 -23.81 -19.51
CA ASP A 34 -29.67 -23.07 -20.36
C ASP A 34 -29.17 -21.69 -20.77
N ILE A 35 -28.20 -21.14 -20.04
CA ILE A 35 -27.62 -19.84 -20.35
C ILE A 35 -26.81 -19.85 -21.64
N VAL A 36 -26.33 -21.02 -22.04
CA VAL A 36 -25.57 -21.14 -23.28
C VAL A 36 -26.44 -20.75 -24.49
N ASP A 37 -27.72 -21.18 -24.51
CA ASP A 37 -28.65 -20.80 -25.59
C ASP A 37 -28.87 -19.29 -25.62
N ALA A 38 -29.10 -18.68 -24.45
CA ALA A 38 -29.28 -17.22 -24.37
C ALA A 38 -28.05 -16.48 -24.89
N ILE A 39 -26.86 -17.02 -24.65
CA ILE A 39 -25.62 -16.39 -25.13
C ILE A 39 -25.47 -16.54 -26.65
N ILE A 40 -25.82 -17.71 -27.18
CA ILE A 40 -25.78 -17.95 -28.63
C ILE A 40 -26.75 -17.00 -29.36
N GLU A 41 -27.93 -16.79 -28.79
CA GLU A 41 -28.94 -15.93 -29.44
C GLU A 41 -28.49 -14.46 -29.44
N ALA A 42 -28.03 -13.96 -28.29
CA ALA A 42 -27.53 -12.57 -28.22
C ALA A 42 -26.39 -12.38 -29.22
N ASP A 43 -25.51 -13.38 -29.30
CA ASP A 43 -24.38 -13.33 -30.21
C ASP A 43 -24.81 -13.38 -31.68
N LYS A 44 -25.84 -14.18 -31.98
CA LYS A 44 -26.38 -14.25 -33.35
C LYS A 44 -26.93 -12.89 -33.80
N LYS A 45 -27.62 -12.20 -32.88
CA LYS A 45 -28.11 -10.85 -33.17
C LYS A 45 -26.95 -9.89 -33.36
N TRP A 46 -25.95 -10.00 -32.48
CA TRP A 46 -24.75 -9.16 -32.55
C TRP A 46 -24.02 -9.37 -33.89
N ARG A 47 -23.84 -10.63 -34.30
CA ARG A 47 -23.16 -10.91 -35.57
C ARG A 47 -23.89 -10.31 -36.75
N ARG A 48 -25.23 -10.37 -36.71
CA ARG A 48 -26.07 -9.73 -37.72
C ARG A 48 -25.84 -8.23 -37.87
N THR A 49 -25.71 -7.52 -36.74
CA THR A 49 -25.40 -6.09 -36.81
C THR A 49 -24.03 -5.88 -37.46
N GLN A 50 -23.08 -6.75 -37.17
CA GLN A 50 -21.72 -6.60 -37.72
C GLN A 50 -21.71 -6.92 -39.20
N PHE A 51 -22.51 -7.91 -39.61
CA PHE A 51 -22.63 -8.25 -41.02
C PHE A 51 -23.20 -7.07 -41.81
N LEU A 52 -24.29 -6.48 -41.30
CA LEU A 52 -24.91 -5.31 -41.95
C LEU A 52 -24.00 -4.07 -41.95
N THR A 53 -23.25 -3.88 -40.87
CA THR A 53 -22.30 -2.76 -40.75
C THR A 53 -21.17 -2.87 -41.76
N GLU A 54 -20.56 -4.05 -41.90
CA GLU A 54 -19.49 -4.25 -42.89
C GLU A 54 -20.02 -4.04 -44.31
N ALA A 55 -21.23 -4.51 -44.57
CA ALA A 55 -21.87 -4.32 -45.88
C ALA A 55 -22.09 -2.84 -46.18
N SER A 56 -22.77 -2.15 -45.26
CA SER A 56 -23.15 -0.75 -45.48
C SER A 56 -21.96 0.19 -45.58
N LYS A 57 -20.86 -0.12 -44.91
CA LYS A 57 -19.63 0.64 -45.06
C LYS A 57 -19.08 0.53 -46.49
N LYS A 58 -19.12 -0.67 -47.07
CA LYS A 58 -18.73 -0.85 -48.48
C LYS A 58 -19.64 -0.05 -49.42
N LEU A 59 -20.94 0.00 -49.09
CA LEU A 59 -21.90 0.77 -49.87
C LEU A 59 -21.73 2.28 -49.74
N ILE A 60 -21.08 2.73 -48.67
CA ILE A 60 -20.81 4.16 -48.48
C ILE A 60 -19.75 4.61 -49.47
N ASN A 61 -18.73 3.78 -49.73
CA ASN A 61 -17.77 4.05 -50.79
C ASN A 61 -18.39 3.98 -52.20
N ILE A 62 -19.29 3.03 -52.41
CA ILE A 62 -20.02 2.95 -53.69
C ILE A 62 -20.71 4.28 -53.98
N CYS A 63 -21.32 4.87 -52.96
CA CYS A 63 -21.97 6.18 -53.10
C CYS A 63 -20.97 7.30 -53.38
N SER A 64 -19.81 7.23 -52.71
CA SER A 64 -18.76 8.23 -52.88
C SER A 64 -18.12 8.15 -54.27
N LYS A 65 -17.72 6.94 -54.67
CA LYS A 65 -17.07 6.74 -55.98
C LYS A 65 -18.02 7.12 -57.13
N ALA A 66 -19.31 6.80 -56.95
CA ALA A 66 -20.34 7.15 -57.93
C ALA A 66 -20.46 8.65 -58.17
N VAL A 67 -20.54 9.40 -57.07
CA VAL A 67 -20.57 10.86 -57.12
C VAL A 67 -19.26 11.45 -57.69
N GLY A 68 -18.13 10.85 -57.34
CA GLY A 68 -16.83 11.28 -57.87
C GLY A 68 -16.69 11.08 -59.38
N ALA A 69 -17.26 9.99 -59.90
CA ALA A 69 -17.22 9.68 -61.33
C ALA A 69 -18.26 10.47 -62.12
N LYS A 70 -19.46 10.59 -61.56
CA LYS A 70 -20.55 11.36 -62.17
C LYS A 70 -20.21 12.84 -62.29
N LYS A 71 -19.71 13.43 -61.22
CA LYS A 71 -19.48 14.88 -61.17
C LYS A 71 -18.26 15.28 -62.00
N LYS A 72 -17.29 14.37 -62.11
CA LYS A 72 -16.20 14.54 -63.07
C LYS A 72 -16.70 14.47 -64.51
N ALA A 73 -17.78 13.71 -64.73
CA ALA A 73 -18.48 13.67 -66.02
C ALA A 73 -19.43 14.86 -66.22
N LYS A 74 -19.53 15.74 -65.22
CA LYS A 74 -20.24 17.01 -65.33
C LYS A 74 -21.75 16.82 -65.52
N GLU A 75 -22.35 16.09 -64.58
CA GLU A 75 -23.78 15.79 -64.60
C GLU A 75 -24.52 16.58 -63.51
N ALA A 76 -25.78 16.91 -63.76
CA ALA A 76 -26.58 17.72 -62.84
C ALA A 76 -27.11 16.91 -61.65
N CYS A 105 -28.52 9.12 -59.61
CA CYS A 105 -28.74 10.53 -59.32
C CYS A 105 -27.81 10.98 -58.19
N VAL A 106 -27.03 12.03 -58.44
CA VAL A 106 -26.04 12.52 -57.47
C VAL A 106 -26.70 12.93 -56.15
N LEU A 107 -27.74 13.76 -56.24
CA LEU A 107 -28.54 14.17 -55.07
C LEU A 107 -29.09 12.97 -54.27
N GLN A 108 -29.52 11.92 -54.97
CA GLN A 108 -29.93 10.67 -54.31
C GLN A 108 -28.75 9.93 -53.66
N LEU A 109 -27.65 9.79 -54.41
CA LEU A 109 -26.44 9.12 -53.90
C LEU A 109 -25.92 9.79 -52.62
N LYS A 110 -25.96 11.11 -52.58
CA LYS A 110 -25.57 11.85 -51.39
C LYS A 110 -26.51 11.57 -50.23
N GLN A 111 -27.82 11.56 -50.49
CA GLN A 111 -28.80 11.25 -49.45
C GLN A 111 -28.58 9.83 -48.93
N LEU A 112 -28.37 8.88 -49.84
CA LEU A 112 -28.13 7.47 -49.47
C LEU A 112 -26.86 7.29 -48.63
N SER A 113 -25.84 8.11 -48.87
CA SER A 113 -24.61 8.09 -48.05
C SER A 113 -24.90 8.50 -46.61
N LYS A 114 -25.65 9.58 -46.45
CA LYS A 114 -26.06 10.04 -45.12
C LYS A 114 -26.92 8.97 -44.43
N ASP A 115 -27.84 8.34 -45.16
CA ASP A 115 -28.74 7.35 -44.56
C ASP A 115 -28.03 6.08 -44.13
N LEU A 116 -27.10 5.60 -44.95
CA LEU A 116 -26.28 4.46 -44.59
C LEU A 116 -25.37 4.77 -43.39
N SER A 117 -24.87 5.99 -43.30
CA SER A 117 -24.05 6.39 -42.15
C SER A 117 -24.93 6.40 -40.90
N ASP A 118 -26.18 6.81 -41.06
CA ASP A 118 -27.19 6.78 -40.00
C ASP A 118 -27.52 5.36 -39.57
N GLN A 119 -27.70 4.47 -40.54
CA GLN A 119 -27.95 3.07 -40.27
C GLN A 119 -26.77 2.43 -39.53
N VAL A 120 -25.55 2.71 -40.00
CA VAL A 120 -24.34 2.20 -39.34
C VAL A 120 -24.23 2.70 -37.90
N ALA A 121 -24.57 3.97 -37.67
CA ALA A 121 -24.61 4.52 -36.32
C ALA A 121 -25.67 3.81 -35.46
N GLY A 122 -26.85 3.54 -36.04
CA GLY A 122 -27.89 2.80 -35.34
C GLY A 122 -27.49 1.36 -35.08
N LEU A 123 -26.79 0.76 -36.04
CA LEU A 123 -26.34 -0.62 -35.88
C LEU A 123 -25.30 -0.72 -34.75
N ALA A 124 -24.49 0.31 -34.58
CA ALA A 124 -23.42 0.33 -33.55
C ALA A 124 -24.02 0.41 -32.13
N LYS A 125 -25.04 1.23 -31.93
CA LYS A 125 -25.67 1.35 -30.61
C LYS A 125 -26.29 0.04 -30.18
N GLU A 126 -26.87 -0.65 -31.15
CA GLU A 126 -27.48 -1.97 -30.96
C GLU A 126 -26.42 -3.03 -30.69
N ALA A 127 -25.36 -3.02 -31.51
CA ALA A 127 -24.20 -3.87 -31.28
C ALA A 127 -23.70 -3.72 -29.84
N GLN A 128 -23.53 -2.48 -29.37
CA GLN A 128 -23.06 -2.23 -28.01
C GLN A 128 -23.96 -2.85 -26.95
N GLN A 129 -25.29 -2.68 -27.10
CA GLN A 129 -26.26 -3.22 -26.14
C GLN A 129 -26.19 -4.73 -26.08
N LEU A 130 -26.11 -5.35 -27.27
CA LEU A 130 -26.00 -6.79 -27.39
C LEU A 130 -24.71 -7.35 -26.77
N GLU A 131 -23.58 -6.67 -26.94
CA GLU A 131 -22.31 -7.12 -26.30
C GLU A 131 -22.39 -7.06 -24.78
N GLU A 132 -23.04 -6.02 -24.29
CA GLU A 132 -23.26 -5.81 -22.86
C GLU A 132 -24.11 -6.95 -22.29
N GLU A 133 -25.21 -7.28 -22.97
CA GLU A 133 -26.12 -8.36 -22.56
C GLU A 133 -25.41 -9.72 -22.61
N ARG A 134 -24.66 -9.93 -23.69
CA ARG A 134 -23.92 -11.17 -23.88
C ARG A 134 -22.89 -11.37 -22.76
N ASP A 135 -22.02 -10.38 -22.57
CA ASP A 135 -20.96 -10.45 -21.57
C ASP A 135 -21.52 -10.60 -20.16
N LYS A 136 -22.64 -9.92 -19.86
CA LYS A 136 -23.25 -10.07 -18.54
C LYS A 136 -23.82 -11.48 -18.34
N LEU A 137 -24.44 -12.07 -19.37
CA LEU A 137 -24.85 -13.49 -19.30
C LEU A 137 -23.63 -14.40 -19.05
N MET A 138 -22.52 -14.10 -19.73
CA MET A 138 -21.29 -14.89 -19.62
C MET A 138 -20.63 -14.90 -18.23
N LEU A 139 -20.96 -13.92 -17.40
CA LEU A 139 -20.47 -13.88 -16.02
C LEU A 139 -20.85 -15.16 -15.29
N ASN A 140 -21.95 -15.79 -15.71
CA ASN A 140 -22.41 -17.03 -15.10
C ASN A 140 -21.82 -18.29 -15.76
N VAL A 141 -20.90 -18.14 -16.71
CA VAL A 141 -20.29 -19.29 -17.40
C VAL A 141 -18.79 -19.44 -17.03
N GLY A 142 -18.47 -20.56 -16.41
CA GLY A 142 -17.11 -20.83 -15.98
C GLY A 142 -16.29 -21.47 -17.07
N ASN A 143 -14.97 -21.44 -16.88
CA ASN A 143 -14.06 -22.15 -17.73
C ASN A 143 -14.42 -23.62 -17.77
N ILE A 144 -14.08 -24.25 -18.89
CA ILE A 144 -14.40 -25.63 -19.12
C ILE A 144 -13.62 -26.51 -18.13
N LEU A 145 -14.33 -27.30 -17.35
CA LEU A 145 -13.71 -28.13 -16.31
C LEU A 145 -12.79 -29.18 -16.88
N HIS A 146 -11.66 -29.40 -16.23
CA HIS A 146 -10.84 -30.55 -16.54
C HIS A 146 -11.63 -31.79 -16.15
N GLU A 147 -11.35 -32.90 -16.84
CA GLU A 147 -12.06 -34.14 -16.63
C GLU A 147 -11.82 -34.77 -15.26
N SER A 148 -10.75 -34.34 -14.59
CA SER A 148 -10.38 -34.86 -13.26
C SER A 148 -10.97 -34.05 -12.10
N VAL A 149 -11.71 -32.99 -12.38
CA VAL A 149 -12.21 -32.13 -11.27
C VAL A 149 -13.29 -32.93 -10.50
N PRO A 150 -13.22 -32.94 -9.16
CA PRO A 150 -14.29 -33.64 -8.44
C PRO A 150 -15.64 -32.93 -8.58
N ILE A 151 -16.72 -33.70 -8.66
CA ILE A 151 -18.04 -33.15 -8.91
C ILE A 151 -18.79 -33.08 -7.60
N ALA A 152 -18.86 -31.88 -7.05
CA ALA A 152 -19.45 -31.68 -5.74
C ALA A 152 -19.61 -30.19 -5.54
N GLN A 153 -20.56 -29.81 -4.71
CA GLN A 153 -20.87 -28.41 -4.50
C GLN A 153 -20.18 -27.89 -3.25
N ASP A 154 -19.86 -28.79 -2.33
CA ASP A 154 -19.37 -28.46 -0.99
C ASP A 154 -17.96 -29.02 -0.75
N GLU A 155 -17.04 -28.15 -0.34
CA GLU A 155 -15.63 -28.52 -0.13
C GLU A 155 -15.31 -29.56 0.97
N GLU A 156 -15.97 -29.47 2.14
CA GLU A 156 -15.67 -30.38 3.25
C GLU A 156 -15.74 -31.82 2.78
N THR A 157 -16.86 -32.15 2.12
CA THR A 157 -17.07 -33.48 1.57
C THR A 157 -16.49 -33.59 0.17
N GLY A 158 -16.52 -32.49 -0.58
CA GLY A 158 -16.34 -32.55 -2.03
C GLY A 158 -14.94 -32.49 -2.60
N ASN A 159 -14.00 -31.84 -1.90
CA ASN A 159 -12.60 -31.82 -2.35
C ASN A 159 -12.01 -33.22 -2.23
N THR A 160 -11.14 -33.59 -3.16
CA THR A 160 -10.51 -34.88 -3.15
C THR A 160 -9.05 -34.70 -2.73
N VAL A 161 -8.61 -35.46 -1.73
CA VAL A 161 -7.22 -35.40 -1.29
C VAL A 161 -6.35 -36.21 -2.26
N VAL A 162 -5.27 -35.60 -2.71
CA VAL A 162 -4.41 -36.15 -3.74
C VAL A 162 -3.15 -36.78 -3.12
N ARG A 163 -2.52 -36.08 -2.18
CA ARG A 163 -1.22 -36.46 -1.61
C ARG A 163 -1.16 -35.83 -0.24
N THR A 164 -0.40 -36.43 0.67
CA THR A 164 -0.13 -35.84 2.00
C THR A 164 1.37 -35.95 2.27
N PHE A 165 1.87 -35.07 3.12
CA PHE A 165 3.28 -35.05 3.50
C PHE A 165 3.42 -34.80 4.98
N GLY A 166 4.23 -35.61 5.65
CA GLY A 166 4.58 -35.35 7.05
C GLY A 166 3.58 -35.88 8.05
N ASN A 167 3.74 -35.47 9.30
CA ASN A 167 2.84 -35.91 10.35
C ASN A 167 1.65 -34.96 10.41
N THR A 168 0.58 -35.30 9.71
CA THR A 168 -0.56 -34.42 9.60
C THR A 168 -1.54 -34.65 10.75
N THR A 169 -1.13 -35.38 11.78
CA THR A 169 -1.93 -35.50 13.02
C THR A 169 -1.19 -34.95 14.25
N LYS A 170 0.02 -34.44 14.03
CA LYS A 170 0.83 -33.77 15.08
C LYS A 170 0.03 -32.77 15.86
N ARG A 171 0.27 -32.73 17.17
CA ARG A 171 -0.34 -31.74 18.04
C ARG A 171 0.77 -30.89 18.73
N ALA A 172 0.47 -29.63 18.96
CA ALA A 172 1.41 -28.69 19.57
C ALA A 172 0.67 -27.77 20.53
N LYS A 173 1.41 -27.04 21.37
CA LYS A 173 0.81 -26.34 22.50
C LYS A 173 0.15 -25.04 22.06
N LEU A 174 0.92 -24.11 21.52
CA LEU A 174 0.41 -22.75 21.32
C LEU A 174 0.04 -22.55 19.85
N ASN A 175 -1.08 -21.86 19.59
CA ASN A 175 -1.40 -21.47 18.22
C ASN A 175 -0.55 -20.28 17.78
N HIS A 176 -0.55 -20.01 16.49
CA HIS A 176 0.29 -18.97 15.92
C HIS A 176 0.06 -17.59 16.51
N VAL A 177 -1.18 -17.28 16.91
CA VAL A 177 -1.47 -15.95 17.51
C VAL A 177 -0.78 -15.80 18.86
N SER A 178 -0.91 -16.82 19.70
CA SER A 178 -0.27 -16.86 21.01
C SER A 178 1.25 -16.80 20.91
N ILE A 179 1.82 -17.53 19.96
CA ILE A 179 3.25 -17.54 19.74
C ILE A 179 3.76 -16.16 19.36
N MET A 180 3.14 -15.55 18.36
CA MET A 180 3.63 -14.25 17.90
C MET A 180 3.45 -13.17 18.96
N GLU A 181 2.41 -13.29 19.78
CA GLU A 181 2.20 -12.38 20.89
C GLU A 181 3.32 -12.57 21.96
N ARG A 182 3.60 -13.83 22.29
CA ARG A 182 4.62 -14.15 23.30
C ARG A 182 6.04 -13.79 22.86
N LEU A 183 6.28 -13.80 21.54
CA LEU A 183 7.51 -13.29 20.99
C LEU A 183 7.67 -11.80 21.19
N GLY A 184 6.57 -11.07 21.38
CA GLY A 184 6.60 -9.61 21.47
C GLY A 184 6.90 -8.98 20.13
N MET A 185 6.61 -9.68 19.03
CA MET A 185 7.06 -9.27 17.70
C MET A 185 5.91 -9.00 16.72
N MET A 186 4.67 -9.03 17.21
CA MET A 186 3.51 -8.76 16.37
C MET A 186 2.52 -7.95 17.17
N ASP A 187 2.02 -6.87 16.58
CA ASP A 187 1.05 -6.05 17.27
C ASP A 187 -0.17 -5.93 16.40
N THR A 188 -1.31 -6.44 16.88
CA THR A 188 -2.59 -6.32 16.17
C THR A 188 -3.63 -5.66 17.04
N SER A 189 -3.18 -5.01 18.12
CA SER A 189 -4.02 -4.34 19.10
C SER A 189 -4.50 -2.99 18.57
N LYS A 190 -5.25 -2.27 19.41
CA LYS A 190 -5.82 -0.97 19.02
C LYS A 190 -4.78 0.12 18.75
N ALA A 191 -3.59 -0.01 19.31
CA ALA A 191 -2.46 0.84 18.91
C ALA A 191 -2.25 0.81 17.38
N VAL A 192 -2.49 -0.34 16.76
CA VAL A 192 -2.39 -0.47 15.32
C VAL A 192 -3.74 -0.25 14.62
N THR A 193 -4.80 -0.91 15.10
CA THR A 193 -6.09 -0.86 14.36
C THR A 193 -6.73 0.52 14.43
N SER A 194 -6.46 1.30 15.46
CA SER A 194 -6.98 2.66 15.49
C SER A 194 -6.24 3.59 14.51
N MET A 195 -5.06 3.19 14.04
CA MET A 195 -4.27 3.91 13.02
C MET A 195 -4.62 3.50 11.59
N ALA A 196 -4.78 2.19 11.41
CA ALA A 196 -4.77 1.57 10.06
C ALA A 196 -6.03 0.76 9.74
N GLY A 197 -6.98 0.67 10.68
CA GLY A 197 -8.23 -0.10 10.50
C GLY A 197 -8.13 -1.55 10.92
N GLY A 198 -9.26 -2.26 10.83
CA GLY A 198 -9.31 -3.66 11.22
C GLY A 198 -8.35 -4.55 10.45
N ARG A 199 -7.84 -5.56 11.15
CA ARG A 199 -6.92 -6.57 10.63
C ARG A 199 -5.56 -6.01 10.20
N SER A 200 -5.23 -4.82 10.66
CA SER A 200 -3.93 -4.25 10.36
C SER A 200 -2.98 -4.75 11.44
N TYR A 201 -1.68 -4.70 11.16
CA TYR A 201 -0.70 -5.29 12.04
C TYR A 201 0.66 -4.63 11.87
N VAL A 202 1.43 -4.67 12.94
CA VAL A 202 2.84 -4.31 12.91
C VAL A 202 3.62 -5.59 13.17
N LEU A 203 4.67 -5.83 12.40
CA LEU A 203 5.67 -6.86 12.78
C LEU A 203 6.95 -6.18 13.20
N LYS A 204 7.65 -6.80 14.15
CA LYS A 204 8.89 -6.29 14.67
C LYS A 204 9.96 -7.36 14.78
N GLY A 205 11.20 -6.92 14.85
CA GLY A 205 12.28 -7.77 15.33
C GLY A 205 12.42 -9.00 14.49
N GLY A 206 12.54 -10.15 15.17
CA GLY A 206 12.73 -11.44 14.56
C GLY A 206 11.71 -11.87 13.53
N LEU A 207 10.47 -11.44 13.67
CA LEU A 207 9.45 -11.77 12.67
C LEU A 207 9.63 -11.03 11.36
N VAL A 208 10.13 -9.80 11.41
CA VAL A 208 10.48 -9.08 10.17
C VAL A 208 11.67 -9.79 9.50
N GLN A 209 12.64 -10.21 10.31
CA GLN A 209 13.77 -10.96 9.77
C GLN A 209 13.29 -12.23 9.08
N LEU A 210 12.33 -12.90 9.68
CA LEU A 210 11.77 -14.12 9.11
C LEU A 210 10.98 -13.84 7.83
N GLN A 211 10.17 -12.79 7.84
CA GLN A 211 9.47 -12.31 6.65
C GLN A 211 10.41 -12.09 5.47
N VAL A 212 11.49 -11.36 5.71
CA VAL A 212 12.46 -11.09 4.65
C VAL A 212 13.20 -12.36 4.22
N ALA A 213 13.54 -13.21 5.18
CA ALA A 213 14.14 -14.50 4.86
C ALA A 213 13.25 -15.30 3.92
N LEU A 214 11.95 -15.32 4.17
CA LEU A 214 11.02 -16.05 3.34
C LEU A 214 10.90 -15.44 1.95
N VAL A 215 10.89 -14.11 1.86
CA VAL A 215 10.81 -13.44 0.55
C VAL A 215 12.02 -13.84 -0.28
N SER A 216 13.20 -13.70 0.31
CA SER A 216 14.42 -13.92 -0.42
C SER A 216 14.62 -15.40 -0.76
N TYR A 217 14.36 -16.29 0.20
CA TYR A 217 14.45 -17.74 -0.05
C TYR A 217 13.48 -18.19 -1.13
N SER A 218 12.26 -17.65 -1.07
CA SER A 218 11.21 -17.96 -2.05
C SER A 218 11.59 -17.51 -3.44
N LEU A 219 12.07 -16.28 -3.55
CA LEU A 219 12.56 -15.81 -4.83
C LEU A 219 13.67 -16.70 -5.37
N ASP A 220 14.67 -17.00 -4.54
CA ASP A 220 15.80 -17.86 -4.99
C ASP A 220 15.34 -19.24 -5.43
N PHE A 221 14.35 -19.78 -4.73
CA PHE A 221 13.82 -21.11 -4.97
C PHE A 221 13.27 -21.20 -6.40
N LEU A 222 12.58 -20.16 -6.82
CA LEU A 222 12.02 -20.09 -8.16
C LEU A 222 13.06 -19.74 -9.24
N VAL A 223 13.99 -18.83 -8.94
CA VAL A 223 15.08 -18.51 -9.85
C VAL A 223 15.81 -19.80 -10.21
N LYS A 224 16.07 -20.62 -9.23
CA LYS A 224 16.80 -21.87 -9.45
C LYS A 224 16.00 -22.84 -10.31
N ARG A 225 14.69 -22.63 -10.40
CA ARG A 225 13.83 -23.52 -11.19
C ARG A 225 13.42 -22.91 -12.53
N GLY A 226 14.11 -21.85 -12.94
CA GLY A 226 13.93 -21.27 -14.26
C GLY A 226 12.86 -20.19 -14.32
N TYR A 227 12.40 -19.67 -13.17
CA TYR A 227 11.44 -18.57 -13.20
C TYR A 227 12.18 -17.23 -13.27
N THR A 228 11.64 -16.28 -14.02
CA THR A 228 12.17 -14.91 -14.06
C THR A 228 11.47 -14.06 -13.00
N PRO A 229 12.24 -13.47 -12.04
CA PRO A 229 11.62 -12.56 -11.10
C PRO A 229 10.89 -11.42 -11.78
N PHE A 230 9.76 -11.00 -11.18
CA PHE A 230 8.92 -9.95 -11.73
C PHE A 230 8.33 -9.12 -10.60
N TYR A 231 8.69 -7.83 -10.54
CA TYR A 231 8.19 -6.88 -9.56
C TYR A 231 7.29 -5.90 -10.27
N PRO A 232 5.97 -5.91 -9.96
CA PRO A 232 5.01 -5.14 -10.72
C PRO A 232 4.67 -3.83 -10.04
N PRO A 233 4.01 -2.92 -10.78
CA PRO A 233 3.25 -1.89 -10.11
C PRO A 233 2.14 -2.48 -9.23
N PHE A 234 1.84 -1.82 -8.11
CA PHE A 234 0.79 -2.29 -7.19
C PHE A 234 -0.58 -1.66 -7.50
N PHE A 235 -0.64 -0.82 -8.54
CA PHE A 235 -1.86 -0.17 -9.03
C PHE A 235 -2.15 -0.66 -10.43
N LEU A 236 -3.42 -0.88 -10.73
CA LEU A 236 -3.87 -1.03 -12.11
C LEU A 236 -5.09 -0.15 -12.35
N ASN A 237 -5.17 0.39 -13.57
CA ASN A 237 -6.33 1.16 -14.05
C ASN A 237 -7.57 0.28 -14.10
N ARG A 238 -8.74 0.90 -14.02
CA ARG A 238 -10.02 0.19 -14.10
C ARG A 238 -10.12 -0.64 -15.36
N ASP A 239 -9.77 -0.06 -16.49
CA ASP A 239 -9.92 -0.73 -17.77
C ASP A 239 -9.13 -2.05 -17.77
N VAL A 240 -7.88 -1.97 -17.34
CA VAL A 240 -6.99 -3.10 -17.35
C VAL A 240 -7.35 -4.12 -16.26
N MET A 241 -7.65 -3.63 -15.06
CA MET A 241 -8.05 -4.50 -13.96
C MET A 241 -9.27 -5.33 -14.34
N GLY A 242 -10.21 -4.74 -15.06
CA GLY A 242 -11.38 -5.43 -15.58
C GLY A 242 -11.13 -6.61 -16.51
N GLU A 243 -9.94 -6.68 -17.12
CA GLU A 243 -9.59 -7.77 -18.03
C GLU A 243 -9.00 -8.97 -17.29
N VAL A 244 -8.51 -8.73 -16.09
CA VAL A 244 -7.84 -9.79 -15.31
C VAL A 244 -8.53 -10.07 -13.99
N ALA A 245 -9.61 -9.34 -13.67
CA ALA A 245 -10.36 -9.56 -12.43
C ALA A 245 -11.80 -9.89 -12.73
N GLN A 246 -12.37 -10.81 -11.96
CA GLN A 246 -13.79 -11.13 -12.04
C GLN A 246 -14.57 -9.95 -11.41
N LEU A 247 -15.75 -9.63 -11.95
CA LEU A 247 -16.52 -8.45 -11.51
C LEU A 247 -16.80 -8.43 -10.00
N SER A 248 -16.99 -9.61 -9.40
CA SER A 248 -17.18 -9.75 -7.96
C SER A 248 -15.94 -9.37 -7.14
N GLN A 249 -14.76 -9.49 -7.72
CA GLN A 249 -13.53 -9.08 -7.04
C GLN A 249 -13.48 -7.58 -6.79
N PHE A 250 -14.08 -6.77 -7.67
CA PHE A 250 -14.17 -5.31 -7.43
C PHE A 250 -14.96 -5.02 -6.15
N ASP A 251 -16.03 -5.79 -5.96
CA ASP A 251 -16.90 -5.66 -4.80
C ASP A 251 -16.24 -6.14 -3.50
N GLU A 252 -15.62 -7.32 -3.53
CA GLU A 252 -15.23 -8.00 -2.30
C GLU A 252 -13.78 -7.83 -1.91
N GLU A 253 -12.93 -7.54 -2.89
CA GLU A 253 -11.51 -7.70 -2.70
C GLU A 253 -10.63 -6.46 -3.04
N LEU A 254 -11.03 -5.61 -4.00
CA LEU A 254 -10.10 -4.58 -4.51
C LEU A 254 -10.34 -3.19 -3.88
N TYR A 255 -9.30 -2.67 -3.23
CA TYR A 255 -9.27 -1.26 -2.82
C TYR A 255 -9.12 -0.35 -4.01
N GLN A 256 -9.82 0.77 -3.95
CA GLN A 256 -9.67 1.80 -4.96
C GLN A 256 -8.67 2.86 -4.47
N VAL A 257 -7.83 3.33 -5.38
CA VAL A 257 -6.80 4.33 -5.09
C VAL A 257 -7.08 5.55 -5.94
N SER A 258 -7.00 6.74 -5.35
CA SER A 258 -7.23 7.95 -6.12
C SER A 258 -6.30 9.09 -5.71
N GLY A 259 -6.44 10.22 -6.42
CA GLY A 259 -5.73 11.47 -6.12
C GLY A 259 -4.87 11.90 -7.31
N ASP A 260 -4.17 10.92 -7.88
CA ASP A 260 -3.22 11.14 -8.98
C ASP A 260 -3.85 10.65 -10.29
N GLY A 261 -4.42 11.58 -11.06
CA GLY A 261 -5.01 11.24 -12.35
C GLY A 261 -6.15 10.23 -12.27
N ASP A 262 -6.15 9.26 -13.18
CA ASP A 262 -7.23 8.29 -13.26
C ASP A 262 -7.30 7.36 -12.03
N LYS A 263 -8.51 6.93 -11.67
CA LYS A 263 -8.70 6.02 -10.54
C LYS A 263 -8.11 4.64 -10.82
N LYS A 264 -7.57 4.04 -9.78
CA LYS A 264 -6.90 2.77 -9.94
C LYS A 264 -7.34 1.89 -8.79
N TYR A 265 -6.88 0.65 -8.87
CA TYR A 265 -7.09 -0.37 -7.86
C TYR A 265 -5.78 -0.94 -7.42
N LEU A 266 -5.64 -1.16 -6.10
CA LEU A 266 -4.52 -1.92 -5.60
C LEU A 266 -4.68 -3.40 -5.99
N ILE A 267 -3.55 -4.02 -6.31
CA ILE A 267 -3.52 -5.40 -6.73
C ILE A 267 -3.76 -6.35 -5.55
N ALA A 268 -4.55 -7.39 -5.81
CA ALA A 268 -4.85 -8.44 -4.84
C ALA A 268 -3.80 -9.56 -4.90
N THR A 269 -3.05 -9.59 -5.99
CA THR A 269 -2.04 -10.61 -6.26
C THR A 269 -1.19 -10.15 -7.44
N SER A 270 0.09 -10.53 -7.50
CA SER A 270 0.92 -10.19 -8.68
C SER A 270 0.43 -10.88 -9.98
N GLU A 271 -0.43 -11.89 -9.86
CA GLU A 271 -1.08 -12.51 -11.02
C GLU A 271 -1.83 -11.48 -11.87
N MET A 272 -2.45 -10.49 -11.23
CA MET A 272 -3.19 -9.47 -11.97
C MET A 272 -2.25 -8.67 -12.89
N PRO A 273 -1.23 -7.98 -12.35
CA PRO A 273 -0.41 -7.21 -13.28
C PRO A 273 0.43 -8.08 -14.23
N ILE A 274 0.80 -9.31 -13.82
CA ILE A 274 1.58 -10.17 -14.72
C ILE A 274 0.70 -10.57 -15.91
N ALA A 275 -0.59 -10.88 -15.66
CA ALA A 275 -1.50 -11.23 -16.73
C ALA A 275 -1.72 -10.02 -17.62
N ALA A 276 -1.97 -8.86 -16.99
CA ALA A 276 -2.19 -7.60 -17.70
C ALA A 276 -0.98 -7.17 -18.55
N TYR A 277 0.22 -7.52 -18.11
CA TYR A 277 1.44 -7.23 -18.83
C TYR A 277 1.50 -7.90 -20.25
N HIS A 278 0.75 -8.98 -20.42
CA HIS A 278 0.68 -9.74 -21.67
C HIS A 278 -0.50 -9.30 -22.54
N ARG A 279 -1.19 -8.21 -22.18
CA ARG A 279 -2.32 -7.77 -22.98
C ARG A 279 -1.87 -7.32 -24.35
N GLY A 280 -2.61 -7.72 -25.38
CA GLY A 280 -2.32 -7.31 -26.72
C GLY A 280 -1.08 -7.93 -27.30
N ARG A 281 -0.49 -8.90 -26.61
CA ARG A 281 0.69 -9.58 -27.14
C ARG A 281 0.32 -10.75 -28.03
N TRP A 282 1.31 -11.24 -28.77
CA TRP A 282 1.09 -12.31 -29.74
C TRP A 282 2.39 -13.11 -29.84
N PHE A 283 2.37 -14.35 -29.34
CA PHE A 283 3.54 -15.22 -29.37
C PHE A 283 3.36 -16.24 -30.47
N THR A 284 4.19 -16.16 -31.50
CA THR A 284 4.03 -17.05 -32.65
C THR A 284 4.32 -18.50 -32.23
N GLU A 285 5.23 -18.66 -31.28
CA GLU A 285 5.48 -19.97 -30.69
C GLU A 285 6.11 -19.77 -29.30
N LEU A 286 5.94 -20.77 -28.47
CA LEU A 286 6.49 -20.78 -27.14
C LEU A 286 7.09 -22.19 -26.95
N LYS A 287 8.21 -22.44 -27.60
CA LYS A 287 8.87 -23.73 -27.44
C LYS A 287 9.23 -23.93 -25.98
N GLU A 288 9.57 -22.84 -25.31
CA GLU A 288 9.70 -22.83 -23.85
C GLU A 288 8.61 -21.95 -23.28
N PRO A 289 8.03 -22.33 -22.12
CA PRO A 289 7.05 -21.43 -21.51
C PRO A 289 7.67 -20.14 -21.01
N LEU A 290 6.89 -19.09 -20.83
CA LEU A 290 7.34 -17.94 -20.02
C LEU A 290 7.00 -18.27 -18.56
N LYS A 291 7.99 -18.22 -17.68
CA LYS A 291 7.78 -18.49 -16.26
C LYS A 291 8.25 -17.31 -15.43
N TYR A 292 7.34 -16.76 -14.65
CA TYR A 292 7.64 -15.59 -13.83
C TYR A 292 7.46 -15.90 -12.36
N ALA A 293 8.41 -15.41 -11.56
CA ALA A 293 8.29 -15.37 -10.09
C ALA A 293 7.79 -13.99 -9.68
N GLY A 294 6.49 -13.87 -9.51
CA GLY A 294 5.89 -12.59 -9.11
C GLY A 294 6.20 -12.26 -7.65
N MET A 295 6.68 -11.05 -7.40
CA MET A 295 6.98 -10.59 -6.04
C MET A 295 6.23 -9.31 -5.76
N SER A 296 5.30 -9.31 -4.80
CA SER A 296 4.61 -8.09 -4.49
C SER A 296 3.95 -8.16 -3.13
N THR A 297 3.53 -7.00 -2.65
CA THR A 297 2.56 -6.88 -1.58
C THR A 297 1.18 -7.09 -2.23
N CYS A 298 0.30 -7.75 -1.50
CA CYS A 298 -1.06 -7.99 -1.95
C CYS A 298 -2.00 -7.26 -1.03
N PHE A 299 -3.05 -6.67 -1.60
CA PHE A 299 -4.01 -5.90 -0.84
C PHE A 299 -5.41 -6.46 -1.06
N ARG A 300 -6.09 -6.81 0.02
CA ARG A 300 -7.42 -7.40 -0.05
C ARG A 300 -8.33 -6.82 0.96
N LYS A 301 -9.49 -6.35 0.48
CA LYS A 301 -10.48 -5.78 1.38
C LYS A 301 -11.09 -6.83 2.32
N GLU A 302 -11.08 -8.09 1.89
CA GLU A 302 -11.73 -9.21 2.61
C GLU A 302 -13.17 -8.88 3.04
N ALA A 303 -13.98 -8.36 2.11
CA ALA A 303 -15.35 -7.88 2.41
C ALA A 303 -16.23 -8.99 2.98
N GLY A 304 -16.06 -10.21 2.49
CA GLY A 304 -16.80 -11.39 3.00
C GLY A 304 -16.54 -11.74 4.46
N ALA A 305 -15.28 -11.63 4.90
CA ALA A 305 -14.88 -12.01 6.26
C ALA A 305 -15.25 -10.94 7.31
N HIS A 306 -16.52 -10.92 7.71
CA HIS A 306 -16.98 -9.98 8.74
C HIS A 306 -16.30 -10.28 10.08
N GLY A 307 -16.36 -11.54 10.50
CA GLY A 307 -15.72 -11.99 11.73
C GLY A 307 -15.22 -13.42 11.62
N ARG A 308 -14.59 -13.75 10.50
CA ARG A 308 -13.99 -15.09 10.32
C ARG A 308 -12.82 -15.27 11.28
N ASP A 309 -11.66 -14.68 10.95
CA ASP A 309 -10.50 -14.68 11.86
C ASP A 309 -10.52 -13.45 12.80
N THR A 310 -9.81 -12.38 12.41
CA THR A 310 -9.48 -11.22 13.27
C THR A 310 -8.28 -11.54 14.17
N LEU A 311 -7.86 -12.81 14.17
CA LEU A 311 -6.80 -13.30 15.06
C LEU A 311 -5.48 -13.54 14.28
N GLY A 312 -4.51 -12.66 14.57
CA GLY A 312 -3.16 -12.78 14.05
C GLY A 312 -3.01 -12.27 12.63
N ILE A 313 -2.01 -12.80 11.95
CA ILE A 313 -1.68 -12.35 10.62
C ILE A 313 -2.05 -13.42 9.59
N PHE A 314 -2.98 -14.30 9.95
CA PHE A 314 -3.37 -15.39 9.06
C PHE A 314 -4.23 -14.85 7.91
N ARG A 315 -5.14 -13.94 8.22
CA ARG A 315 -6.02 -13.33 7.22
C ARG A 315 -6.02 -11.83 7.43
N VAL A 316 -5.31 -11.13 6.56
CA VAL A 316 -5.03 -9.69 6.75
C VAL A 316 -5.29 -8.98 5.45
N HIS A 317 -5.31 -7.65 5.48
CA HIS A 317 -5.54 -6.88 4.26
C HIS A 317 -4.27 -6.67 3.44
N GLN A 318 -3.10 -6.91 4.04
CA GLN A 318 -1.80 -6.56 3.40
C GLN A 318 -0.81 -7.65 3.70
N PHE A 319 -0.29 -8.29 2.65
CA PHE A 319 0.69 -9.33 2.86
C PHE A 319 1.57 -9.51 1.65
N ASP A 320 2.84 -9.90 1.89
CA ASP A 320 3.76 -10.28 0.82
C ASP A 320 3.43 -11.65 0.26
N LYS A 321 3.58 -11.80 -1.05
CA LYS A 321 3.44 -13.10 -1.66
C LYS A 321 4.41 -13.27 -2.85
N ILE A 322 4.97 -14.45 -2.96
CA ILE A 322 5.72 -14.86 -4.13
C ILE A 322 4.84 -15.85 -4.89
N GLU A 323 4.64 -15.55 -6.18
CA GLU A 323 3.67 -16.24 -7.03
C GLU A 323 4.37 -16.86 -8.25
N GLN A 324 3.93 -18.05 -8.65
CA GLN A 324 4.32 -18.65 -9.92
C GLN A 324 3.32 -18.21 -10.98
N PHE A 325 3.81 -17.75 -12.13
CA PHE A 325 2.93 -17.42 -13.27
C PHE A 325 3.56 -17.99 -14.51
N VAL A 326 2.77 -18.76 -15.28
CA VAL A 326 3.25 -19.43 -16.47
C VAL A 326 2.38 -19.06 -17.67
N VAL A 327 3.05 -18.67 -18.75
CA VAL A 327 2.38 -18.47 -20.04
C VAL A 327 2.94 -19.54 -20.96
N CYS A 328 2.07 -20.34 -21.56
CA CYS A 328 2.53 -21.45 -22.40
C CYS A 328 1.65 -21.66 -23.63
N SER A 329 2.17 -22.45 -24.56
CA SER A 329 1.40 -22.91 -25.72
C SER A 329 0.06 -23.52 -25.33
N PRO A 330 -1.00 -23.22 -26.12
CA PRO A 330 -2.30 -23.85 -25.89
C PRO A 330 -2.38 -25.28 -26.43
N ARG A 331 -1.31 -25.80 -27.04
CA ARG A 331 -1.39 -27.05 -27.77
C ARG A 331 -0.92 -28.27 -26.98
N GLN A 332 -1.42 -29.44 -27.35
CA GLN A 332 -0.97 -30.74 -26.79
C GLN A 332 -1.09 -30.81 -25.28
N GLU A 333 -2.04 -30.05 -24.72
CA GLU A 333 -2.26 -30.06 -23.30
C GLU A 333 -1.02 -29.77 -22.46
N GLU A 334 -0.14 -28.96 -23.01
CA GLU A 334 1.04 -28.55 -22.30
C GLU A 334 0.68 -27.90 -20.96
N SER A 335 -0.37 -27.06 -20.94
CA SER A 335 -0.70 -26.35 -19.70
C SER A 335 -0.97 -27.29 -18.54
N TRP A 336 -1.56 -28.44 -18.84
CA TRP A 336 -1.84 -29.44 -17.83
C TRP A 336 -0.55 -30.04 -17.24
N ARG A 337 0.51 -30.13 -18.05
CA ARG A 337 1.81 -30.59 -17.58
CA ARG A 337 1.78 -30.60 -17.54
C ARG A 337 2.41 -29.52 -16.64
N HIS A 338 2.27 -28.26 -17.02
CA HIS A 338 2.81 -27.20 -16.19
C HIS A 338 2.08 -27.12 -14.86
N LEU A 339 0.77 -27.37 -14.86
CA LEU A 339 0.02 -27.33 -13.60
C LEU A 339 0.62 -28.32 -12.59
N GLU A 340 0.95 -29.52 -13.07
CA GLU A 340 1.55 -30.55 -12.25
C GLU A 340 2.91 -30.11 -11.73
N ASP A 341 3.71 -29.48 -12.60
CA ASP A 341 5.03 -28.95 -12.18
C ASP A 341 4.89 -27.85 -11.14
N MET A 342 3.87 -27.00 -11.29
CA MET A 342 3.67 -25.88 -10.37
C MET A 342 3.26 -26.35 -8.97
N ILE A 343 2.29 -27.25 -8.88
CA ILE A 343 1.94 -27.80 -7.58
C ILE A 343 3.13 -28.56 -6.95
N THR A 344 3.84 -29.33 -7.76
CA THR A 344 5.03 -30.04 -7.27
C THR A 344 6.06 -29.07 -6.72
N THR A 345 6.24 -27.94 -7.40
CA THR A 345 7.12 -26.87 -6.91
C THR A 345 6.72 -26.33 -5.53
N SER A 346 5.43 -26.01 -5.33
CA SER A 346 4.94 -25.55 -4.02
C SER A 346 5.08 -26.64 -2.95
N GLU A 347 4.87 -27.89 -3.34
CA GLU A 347 5.10 -29.02 -2.41
C GLU A 347 6.56 -29.10 -1.98
N GLU A 348 7.47 -29.08 -2.94
CA GLU A 348 8.90 -29.16 -2.65
C GLU A 348 9.36 -28.00 -1.77
N PHE A 349 8.79 -26.83 -1.99
CA PHE A 349 9.02 -25.68 -1.12
C PHE A 349 8.60 -25.95 0.33
N ASN A 350 7.36 -26.39 0.53
CA ASN A 350 6.91 -26.73 1.88
C ASN A 350 7.66 -27.90 2.52
N LYS A 351 8.04 -28.90 1.73
CA LYS A 351 8.91 -29.96 2.25
C LYS A 351 10.24 -29.41 2.73
N SER A 352 10.78 -28.42 2.01
CA SER A 352 12.06 -27.80 2.39
C SER A 352 11.92 -27.05 3.70
N LEU A 353 10.73 -26.52 3.97
CA LEU A 353 10.45 -25.87 5.25
C LEU A 353 10.02 -26.85 6.35
N GLY A 354 9.73 -28.09 5.96
CA GLY A 354 9.36 -29.16 6.89
C GLY A 354 7.94 -29.01 7.43
N LEU A 355 7.06 -28.44 6.62
CA LEU A 355 5.68 -28.18 7.05
C LEU A 355 4.78 -29.31 6.56
N PRO A 356 4.08 -29.99 7.47
CA PRO A 356 3.19 -31.05 7.04
C PRO A 356 1.99 -30.49 6.25
N TYR A 357 1.46 -31.26 5.31
CA TYR A 357 0.36 -30.76 4.45
C TYR A 357 -0.37 -31.86 3.73
N ARG A 358 -1.51 -31.47 3.16
CA ARG A 358 -2.19 -32.26 2.17
C ARG A 358 -2.41 -31.42 0.92
N VAL A 359 -2.44 -32.08 -0.24
CA VAL A 359 -2.81 -31.43 -1.49
C VAL A 359 -4.20 -31.91 -1.84
N VAL A 360 -5.09 -30.96 -2.13
CA VAL A 360 -6.46 -31.28 -2.51
C VAL A 360 -6.81 -30.75 -3.92
N ASN A 361 -7.65 -31.50 -4.60
CA ASN A 361 -8.19 -31.18 -5.91
C ASN A 361 -9.57 -30.57 -5.60
N ILE A 362 -9.72 -29.29 -5.93
CA ILE A 362 -10.92 -28.51 -5.54
C ILE A 362 -12.16 -28.87 -6.37
N CYS A 363 -13.28 -29.13 -5.69
CA CYS A 363 -14.48 -29.59 -6.36
C CYS A 363 -15.11 -28.54 -7.27
N SER A 364 -15.88 -29.03 -8.21
CA SER A 364 -16.39 -28.21 -9.30
C SER A 364 -17.24 -27.03 -8.80
N GLY A 365 -18.04 -27.23 -7.75
CA GLY A 365 -18.88 -26.19 -7.20
C GLY A 365 -18.11 -25.06 -6.55
N ALA A 366 -16.88 -25.33 -6.09
CA ALA A 366 -16.09 -24.32 -5.38
C ALA A 366 -15.11 -23.56 -6.30
N LEU A 367 -14.87 -24.06 -7.51
CA LEU A 367 -13.95 -23.41 -8.46
C LEU A 367 -14.44 -22.05 -8.89
N ASN A 368 -13.56 -21.06 -8.85
CA ASN A 368 -13.82 -19.78 -9.49
C ASN A 368 -13.95 -19.95 -11.01
N ASN A 369 -14.52 -18.96 -11.67
CA ASN A 369 -14.82 -19.04 -13.07
C ASN A 369 -13.60 -19.22 -13.98
N ALA A 370 -12.47 -18.60 -13.64
CA ALA A 370 -11.28 -18.62 -14.49
C ALA A 370 -10.60 -20.00 -14.51
N ALA A 371 -10.71 -20.72 -13.40
CA ALA A 371 -9.99 -21.99 -13.25
C ALA A 371 -10.69 -23.18 -13.93
N ALA A 372 -9.91 -23.95 -14.68
CA ALA A 372 -10.37 -25.22 -15.26
C ALA A 372 -10.12 -26.37 -14.26
N LYS A 373 -9.13 -26.16 -13.39
CA LYS A 373 -8.78 -27.04 -12.29
C LYS A 373 -7.95 -26.23 -11.30
N LYS A 374 -8.03 -26.60 -10.02
CA LYS A 374 -7.28 -25.92 -8.96
C LYS A 374 -6.82 -26.97 -7.94
N TYR A 375 -5.55 -26.92 -7.59
CA TYR A 375 -5.00 -27.63 -6.45
C TYR A 375 -4.75 -26.63 -5.32
N ASP A 376 -5.17 -26.96 -4.09
CA ASP A 376 -4.76 -26.24 -2.90
C ASP A 376 -3.80 -27.11 -2.10
N LEU A 377 -2.74 -26.49 -1.58
CA LEU A 377 -1.93 -27.14 -0.56
C LEU A 377 -2.40 -26.56 0.76
N GLU A 378 -2.92 -27.43 1.60
CA GLU A 378 -3.40 -27.06 2.91
C GLU A 378 -2.43 -27.60 3.96
N ALA A 379 -1.75 -26.70 4.67
CA ALA A 379 -0.76 -27.12 5.67
C ALA A 379 -1.49 -27.52 6.93
N TRP A 380 -0.91 -28.47 7.65
CA TRP A 380 -1.43 -28.88 8.95
C TRP A 380 -0.95 -27.92 10.04
N PHE A 381 -1.89 -27.33 10.76
CA PHE A 381 -1.56 -26.41 11.86
C PHE A 381 -1.79 -27.22 13.13
N PRO A 382 -0.70 -27.66 13.78
CA PRO A 382 -0.81 -28.64 14.88
C PRO A 382 -1.38 -28.12 16.21
N ALA A 383 -1.25 -26.82 16.50
CA ALA A 383 -1.88 -26.25 17.71
C ALA A 383 -3.35 -26.03 17.44
N SER A 384 -3.61 -25.46 16.26
CA SER A 384 -4.95 -25.13 15.82
C SER A 384 -5.71 -26.43 15.59
N GLY A 385 -5.03 -27.49 15.17
CA GLY A 385 -5.67 -28.76 14.82
C GLY A 385 -6.40 -28.78 13.47
N ALA A 386 -5.96 -28.00 12.49
CA ALA A 386 -6.67 -27.90 11.20
C ALA A 386 -5.72 -27.85 10.01
N PHE A 387 -6.21 -28.31 8.86
CA PHE A 387 -5.58 -28.07 7.57
C PHE A 387 -6.03 -26.70 7.12
N ARG A 388 -5.10 -25.83 6.74
CA ARG A 388 -5.40 -24.46 6.36
C ARG A 388 -4.67 -24.17 5.07
N GLU A 389 -5.38 -23.61 4.09
CA GLU A 389 -4.83 -23.27 2.80
C GLU A 389 -3.63 -22.33 2.88
N LEU A 390 -2.49 -22.78 2.38
CA LEU A 390 -1.30 -21.93 2.20
C LEU A 390 -1.09 -21.55 0.75
N VAL A 391 -1.52 -22.41 -0.18
CA VAL A 391 -1.16 -22.32 -1.61
C VAL A 391 -2.40 -22.72 -2.42
N SER A 392 -2.69 -21.97 -3.50
CA SER A 392 -3.55 -22.44 -4.58
C SER A 392 -2.79 -22.37 -5.90
N CYS A 393 -2.97 -23.38 -6.74
CA CYS A 393 -2.39 -23.45 -8.09
C CYS A 393 -3.53 -23.79 -9.06
N SER A 394 -3.70 -22.97 -10.09
CA SER A 394 -4.80 -23.06 -11.05
CA SER A 394 -4.76 -23.20 -11.06
C SER A 394 -4.28 -23.09 -12.51
N ASN A 395 -4.89 -23.92 -13.36
CA ASN A 395 -4.75 -23.79 -14.79
C ASN A 395 -5.96 -23.01 -15.24
N CYS A 396 -5.75 -21.77 -15.68
CA CYS A 396 -6.83 -20.98 -16.26
C CYS A 396 -6.93 -21.11 -17.79
N THR A 397 -6.19 -22.05 -18.37
CA THR A 397 -6.15 -22.23 -19.83
C THR A 397 -6.20 -20.86 -20.57
N ASP A 398 -7.17 -20.63 -21.46
CA ASP A 398 -7.26 -19.36 -22.24
C ASP A 398 -8.28 -18.33 -21.72
N TYR A 399 -8.69 -18.49 -20.47
CA TYR A 399 -9.70 -17.59 -19.89
C TYR A 399 -9.20 -16.15 -19.74
N GLN A 400 -8.06 -15.97 -19.05
CA GLN A 400 -7.47 -14.63 -18.93
C GLN A 400 -6.88 -14.19 -20.27
N SER A 401 -6.22 -15.12 -20.93
CA SER A 401 -5.52 -14.86 -22.20
C SER A 401 -6.46 -14.30 -23.28
N GLN A 402 -7.62 -14.91 -23.41
CA GLN A 402 -8.60 -14.37 -24.35
C GLN A 402 -9.12 -13.01 -23.89
N SER A 403 -9.29 -12.83 -22.58
CA SER A 403 -9.73 -11.53 -22.06
C SER A 403 -8.67 -10.41 -22.28
N VAL A 404 -7.38 -10.72 -22.10
CA VAL A 404 -6.36 -9.68 -22.33
C VAL A 404 -5.91 -9.65 -23.78
N ASN A 405 -6.43 -10.58 -24.59
CA ASN A 405 -6.08 -10.74 -26.01
C ASN A 405 -4.58 -11.06 -26.18
N CYS A 406 -4.14 -12.10 -25.49
CA CYS A 406 -2.79 -12.61 -25.63
C CYS A 406 -2.80 -13.78 -26.60
N ARG A 407 -2.51 -13.49 -27.85
CA ARG A 407 -2.69 -14.45 -28.94
C ARG A 407 -1.52 -15.43 -29.09
N TYR A 408 -1.79 -16.55 -29.76
CA TYR A 408 -0.78 -17.56 -30.02
C TYR A 408 -0.89 -18.00 -31.46
N GLY A 409 0.24 -18.40 -32.02
CA GLY A 409 0.28 -19.16 -33.28
C GLY A 409 0.28 -18.26 -34.50
N PRO A 410 -0.05 -18.84 -35.67
CA PRO A 410 -0.18 -18.03 -36.91
C PRO A 410 -1.54 -17.29 -36.97
N ASN A 411 -1.59 -16.19 -37.73
CA ASN A 411 -2.83 -15.42 -37.90
C ASN A 411 -3.81 -16.11 -38.85
N LEU A 412 -5.10 -15.76 -38.73
CA LEU A 412 -6.14 -16.29 -39.65
C LEU A 412 -5.85 -15.98 -41.13
N ARG A 413 -5.32 -14.78 -41.40
CA ARG A 413 -5.10 -14.31 -42.77
C ARG A 413 -3.93 -15.06 -43.44
N GLN A 418 -5.55 -22.43 -40.66
CA GLN A 418 -5.86 -21.69 -39.44
C GLN A 418 -7.22 -20.99 -39.60
N ASN A 419 -8.25 -21.60 -39.03
CA ASN A 419 -9.60 -21.03 -39.05
C ASN A 419 -10.03 -20.53 -37.67
N VAL A 420 -9.24 -20.83 -36.64
CA VAL A 420 -9.58 -20.45 -35.27
C VAL A 420 -8.51 -19.49 -34.73
N LYS A 421 -8.92 -18.51 -33.94
CA LYS A 421 -7.99 -17.66 -33.20
C LYS A 421 -7.52 -18.42 -31.97
N GLU A 422 -6.21 -18.59 -31.84
CA GLU A 422 -5.61 -19.25 -30.69
C GLU A 422 -5.03 -18.23 -29.74
N TYR A 423 -5.09 -18.60 -28.47
CA TYR A 423 -4.61 -17.78 -27.39
C TYR A 423 -3.68 -18.61 -26.56
N CYS A 424 -2.74 -17.94 -25.90
CA CYS A 424 -1.85 -18.59 -24.93
C CYS A 424 -2.67 -19.17 -23.78
N HIS A 425 -2.11 -20.17 -23.09
CA HIS A 425 -2.66 -20.64 -21.82
C HIS A 425 -1.85 -19.96 -20.73
N MET A 426 -2.51 -19.73 -19.60
CA MET A 426 -1.91 -19.08 -18.47
C MET A 426 -2.29 -19.83 -17.22
N LEU A 427 -1.31 -20.03 -16.37
CA LEU A 427 -1.49 -20.65 -15.06
C LEU A 427 -0.96 -19.71 -14.01
N ASN A 428 -1.46 -19.85 -12.79
CA ASN A 428 -0.88 -19.14 -11.68
C ASN A 428 -0.97 -19.96 -10.40
N GLY A 429 0.01 -19.79 -9.52
CA GLY A 429 0.03 -20.56 -8.27
C GLY A 429 0.91 -19.92 -7.21
N THR A 430 0.44 -19.94 -5.97
CA THR A 430 1.24 -19.42 -4.86
C THR A 430 2.49 -20.24 -4.71
N LEU A 431 3.63 -19.60 -4.52
CA LEU A 431 4.80 -20.30 -4.01
C LEU A 431 4.82 -20.11 -2.49
N CYS A 432 4.82 -18.86 -2.06
CA CYS A 432 4.78 -18.55 -0.62
C CYS A 432 3.99 -17.30 -0.32
N ALA A 433 2.93 -17.47 0.44
CA ALA A 433 2.21 -16.33 1.02
C ALA A 433 2.84 -16.15 2.41
N ILE A 434 3.50 -15.01 2.61
CA ILE A 434 4.51 -14.91 3.64
C ILE A 434 3.90 -14.97 5.06
N THR A 435 2.83 -14.25 5.31
CA THR A 435 2.29 -14.20 6.68
C THR A 435 1.67 -15.54 7.08
N ARG A 436 0.96 -16.20 6.16
CA ARG A 436 0.36 -17.48 6.49
C ARG A 436 1.42 -18.54 6.70
N THR A 437 2.44 -18.52 5.86
CA THR A 437 3.60 -19.39 6.07
C THR A 437 4.31 -19.12 7.42
N MET A 438 4.47 -17.86 7.79
CA MET A 438 5.01 -17.55 9.11
C MET A 438 4.17 -18.18 10.23
N CYS A 439 2.84 -18.13 10.10
CA CYS A 439 1.94 -18.69 11.09
C CYS A 439 2.16 -20.22 11.21
N CYS A 440 2.33 -20.87 10.06
CA CYS A 440 2.50 -22.32 10.01
C CYS A 440 3.84 -22.72 10.62
N ILE A 441 4.89 -21.97 10.28
CA ILE A 441 6.21 -22.18 10.88
C ILE A 441 6.19 -22.04 12.40
N CYS A 442 5.56 -20.97 12.90
CA CYS A 442 5.48 -20.75 14.33
C CYS A 442 4.86 -21.94 15.03
N GLU A 443 3.73 -22.46 14.54
CA GLU A 443 3.10 -23.58 15.22
C GLU A 443 3.97 -24.85 15.14
N ASN A 444 4.57 -25.09 13.98
CA ASN A 444 5.30 -26.34 13.75
C ASN A 444 6.71 -26.38 14.37
N TYR A 445 7.30 -25.21 14.60
CA TYR A 445 8.67 -25.11 15.09
C TYR A 445 8.79 -24.55 16.50
N GLN A 446 7.67 -24.42 17.18
CA GLN A 446 7.69 -23.89 18.52
C GLN A 446 8.37 -24.85 19.48
N THR A 447 8.97 -24.28 20.52
CA THR A 447 9.49 -25.04 21.64
C THR A 447 9.09 -24.25 22.87
N GLU A 448 9.50 -24.69 24.04
CA GLU A 448 9.27 -23.93 25.25
C GLU A 448 9.87 -22.51 25.23
N GLU A 449 10.99 -22.33 24.52
CA GLU A 449 11.76 -21.09 24.56
C GLU A 449 11.44 -20.09 23.44
N GLY A 450 10.75 -20.54 22.39
CA GLY A 450 10.47 -19.70 21.24
C GLY A 450 10.16 -20.51 19.99
N VAL A 451 10.57 -19.98 18.84
CA VAL A 451 10.37 -20.64 17.55
C VAL A 451 11.73 -20.91 16.91
N VAL A 452 11.98 -22.19 16.62
CA VAL A 452 13.16 -22.63 15.90
C VAL A 452 13.01 -22.22 14.44
N ILE A 453 14.08 -21.68 13.87
CA ILE A 453 14.04 -21.27 12.49
C ILE A 453 14.34 -22.50 11.62
N PRO A 454 13.46 -22.82 10.66
CA PRO A 454 13.76 -23.89 9.69
C PRO A 454 15.17 -23.75 9.12
N ASP A 455 15.91 -24.85 9.06
CA ASP A 455 17.30 -24.87 8.59
C ASP A 455 17.56 -24.07 7.32
N VAL A 456 16.72 -24.25 6.32
CA VAL A 456 16.94 -23.58 5.05
C VAL A 456 16.84 -22.08 5.12
N LEU A 457 16.11 -21.53 6.11
CA LEU A 457 15.93 -20.07 6.19
C LEU A 457 17.05 -19.40 6.96
N ARG A 458 17.81 -20.16 7.74
CA ARG A 458 18.83 -19.57 8.62
C ARG A 458 19.83 -18.67 7.92
N PRO A 459 20.38 -19.12 6.77
CA PRO A 459 21.33 -18.24 6.07
C PRO A 459 20.68 -16.97 5.51
N TYR A 460 19.35 -16.98 5.39
CA TYR A 460 18.61 -15.79 4.96
C TYR A 460 18.19 -14.86 6.13
N MET A 461 18.50 -15.23 7.36
CA MET A 461 18.36 -14.32 8.51
C MET A 461 19.52 -14.43 9.48
N MET A 462 20.69 -14.10 8.94
CA MET A 462 21.88 -13.88 9.72
C MET A 462 22.27 -15.10 10.55
N GLY A 463 21.86 -16.29 10.14
CA GLY A 463 22.26 -17.53 10.81
C GLY A 463 21.52 -17.75 12.12
N ILE A 464 20.44 -17.00 12.34
CA ILE A 464 19.65 -17.12 13.56
C ILE A 464 18.98 -18.48 13.63
N GLU A 465 19.17 -19.18 14.75
CA GLU A 465 18.65 -20.55 14.93
C GLU A 465 17.29 -20.58 15.60
N MET A 466 16.98 -19.55 16.38
CA MET A 466 15.71 -19.49 17.10
C MET A 466 15.40 -18.06 17.45
N ILE A 467 14.13 -17.69 17.39
CA ILE A 467 13.67 -16.41 17.92
C ILE A 467 12.94 -16.73 19.24
N ARG A 468 13.25 -15.94 20.25
CA ARG A 468 12.94 -16.31 21.63
C ARG A 468 11.76 -15.54 22.17
N PHE A 469 10.96 -16.19 23.00
CA PHE A 469 9.87 -15.50 23.68
C PHE A 469 10.41 -14.40 24.61
N GLU A 470 9.65 -13.31 24.77
CA GLU A 470 9.87 -12.35 25.87
C GLU A 470 9.91 -13.12 27.19
N ASN A 471 10.93 -12.89 28.02
CA ASN A 471 11.30 -13.82 29.12
C ASN A 471 10.13 -14.53 29.85
N ASN A 472 9.10 -13.77 30.24
CA ASN A 472 7.88 -14.37 30.83
C ASN A 472 6.73 -14.46 29.80
N GLY B 3 -10.12 19.63 10.82
CA GLY B 3 -9.27 18.53 10.26
C GLY B 3 -7.96 18.38 11.01
N SER B 4 -7.46 17.15 11.08
CA SER B 4 -6.23 16.82 11.80
C SER B 4 -5.01 17.44 11.10
N MET B 5 -4.08 17.98 11.90
CA MET B 5 -2.93 18.73 11.36
C MET B 5 -1.68 18.65 12.22
N MET B 6 -0.53 18.43 11.57
CA MET B 6 0.76 18.44 12.25
C MET B 6 1.38 19.85 12.23
N VAL B 7 1.48 20.47 13.40
CA VAL B 7 2.08 21.79 13.52
C VAL B 7 2.78 21.90 14.88
N LEU B 8 3.48 23.01 15.10
CA LEU B 8 4.29 23.25 16.34
C LEU B 8 3.45 23.25 17.64
N ASP B 9 4.10 22.95 18.77
CA ASP B 9 3.47 22.93 20.11
C ASP B 9 3.04 24.33 20.53
N ILE B 10 1.86 24.42 21.14
CA ILE B 10 1.28 25.68 21.61
C ILE B 10 1.88 26.30 22.89
N GLN B 11 2.34 25.46 23.82
CA GLN B 11 2.76 25.97 25.15
C GLN B 11 3.86 27.04 25.11
N LEU B 12 4.81 26.89 24.20
CA LEU B 12 5.94 27.82 24.07
C LEU B 12 5.49 29.20 23.55
N PHE B 13 4.40 29.21 22.77
CA PHE B 13 3.76 30.44 22.30
C PHE B 13 3.18 31.30 23.42
N ARG B 14 2.81 30.71 24.57
CA ARG B 14 2.11 31.42 25.66
C ARG B 14 3.08 32.04 26.69
N ASP B 15 4.37 31.96 26.39
CA ASP B 15 5.41 32.57 27.20
C ASP B 15 6.08 33.61 26.31
N GLU B 16 6.37 34.78 26.87
CA GLU B 16 6.97 35.89 26.12
C GLU B 16 8.33 35.51 25.52
N THR B 17 9.19 34.90 26.33
CA THR B 17 10.50 34.45 25.87
C THR B 17 10.36 33.35 24.80
N GLY B 18 9.50 32.38 25.05
CA GLY B 18 9.18 31.37 24.06
C GLY B 18 8.68 31.93 22.75
N ALA B 19 7.72 32.86 22.80
CA ALA B 19 7.22 33.50 21.56
C ALA B 19 8.35 34.18 20.77
N ASN B 20 9.28 34.82 21.47
CA ASN B 20 10.42 35.48 20.81
C ASN B 20 11.38 34.50 20.17
N ILE B 21 11.61 33.37 20.83
CA ILE B 21 12.45 32.30 20.28
C ILE B 21 11.84 31.79 18.98
N ILE B 22 10.52 31.67 18.97
CA ILE B 22 9.82 31.21 17.76
C ILE B 22 9.89 32.24 16.65
N ARG B 23 9.65 33.52 16.98
CA ARG B 23 9.77 34.60 16.01
C ARG B 23 11.18 34.65 15.43
N GLU B 24 12.20 34.52 16.28
CA GLU B 24 13.58 34.48 15.79
C GLU B 24 13.83 33.30 14.82
N SER B 25 13.40 32.10 15.20
CA SER B 25 13.51 30.92 14.33
C SER B 25 12.81 31.16 13.00
N GLN B 26 11.62 31.77 13.02
CA GLN B 26 10.90 32.09 11.78
C GLN B 26 11.74 32.99 10.87
N ARG B 27 12.28 34.06 11.44
CA ARG B 27 13.12 34.98 10.68
C ARG B 27 14.33 34.25 10.09
N ARG B 28 14.95 33.36 10.87
CA ARG B 28 16.12 32.64 10.43
C ARG B 28 15.79 31.64 9.31
N ARG B 29 14.54 31.19 9.26
CA ARG B 29 14.02 30.37 8.15
C ARG B 29 13.52 31.15 6.93
N PHE B 30 13.58 32.48 6.99
CA PHE B 30 13.00 33.35 5.94
C PHE B 30 11.50 33.05 5.82
N ALA B 31 10.88 32.79 6.96
CA ALA B 31 9.47 32.50 7.04
C ALA B 31 8.85 33.61 7.87
N ASP B 32 7.53 33.55 8.04
CA ASP B 32 6.77 34.67 8.60
C ASP B 32 6.80 34.66 10.13
N PRO B 33 7.34 35.75 10.74
CA PRO B 33 7.21 35.91 12.18
C PRO B 33 5.87 36.54 12.59
N ASP B 34 5.45 37.63 11.91
CA ASP B 34 4.16 38.34 12.18
C ASP B 34 3.00 37.38 12.45
N ILE B 35 3.10 36.18 11.88
CA ILE B 35 2.07 35.15 12.07
C ILE B 35 1.92 34.70 13.52
N VAL B 36 2.99 34.82 14.32
CA VAL B 36 2.99 34.32 15.71
C VAL B 36 1.97 35.08 16.56
N ASP B 37 1.92 36.41 16.37
CA ASP B 37 0.89 37.24 17.00
C ASP B 37 -0.54 36.80 16.62
N ALA B 38 -0.73 36.39 15.37
CA ALA B 38 -2.02 35.89 14.90
C ALA B 38 -2.38 34.53 15.50
N ILE B 39 -1.38 33.66 15.68
CA ILE B 39 -1.56 32.36 16.36
C ILE B 39 -1.85 32.50 17.85
N ILE B 40 -1.13 33.39 18.53
CA ILE B 40 -1.35 33.67 19.96
C ILE B 40 -2.78 34.13 20.19
N GLU B 41 -3.28 35.00 19.31
CA GLU B 41 -4.63 35.57 19.39
C GLU B 41 -5.70 34.50 19.17
N ALA B 42 -5.48 33.61 18.20
CA ALA B 42 -6.42 32.51 17.96
C ALA B 42 -6.47 31.55 19.14
N ASP B 43 -5.30 31.27 19.73
CA ASP B 43 -5.22 30.45 20.96
C ASP B 43 -5.84 31.12 22.21
N LYS B 44 -5.73 32.45 22.29
CA LYS B 44 -6.35 33.20 23.41
C LYS B 44 -7.88 33.04 23.37
N LYS B 45 -8.45 33.29 22.20
CA LYS B 45 -9.87 32.99 21.94
C LYS B 45 -10.25 31.57 22.35
N TRP B 46 -9.41 30.60 22.01
CA TRP B 46 -9.64 29.20 22.36
C TRP B 46 -9.63 28.97 23.88
N ARG B 47 -8.62 29.49 24.59
CA ARG B 47 -8.53 29.30 26.04
C ARG B 47 -9.73 29.91 26.78
N ARG B 48 -10.23 31.03 26.26
CA ARG B 48 -11.46 31.63 26.77
C ARG B 48 -12.67 30.70 26.72
N THR B 49 -12.83 29.96 25.62
CA THR B 49 -13.93 29.00 25.51
C THR B 49 -13.79 27.86 26.52
N GLN B 50 -12.54 27.52 26.89
CA GLN B 50 -12.31 26.47 27.88
C GLN B 50 -12.54 26.99 29.30
N PHE B 51 -12.15 28.24 29.55
CA PHE B 51 -12.38 28.85 30.85
C PHE B 51 -13.87 28.87 31.13
N LEU B 52 -14.65 29.31 30.15
CA LEU B 52 -16.12 29.42 30.30
C LEU B 52 -16.76 28.03 30.44
N THR B 53 -16.33 27.09 29.60
CA THR B 53 -16.83 25.73 29.64
C THR B 53 -16.65 25.13 31.03
N GLU B 54 -15.47 25.30 31.62
CA GLU B 54 -15.23 24.72 32.95
C GLU B 54 -16.05 25.41 34.04
N ALA B 55 -16.22 26.74 33.95
CA ALA B 55 -17.05 27.47 34.91
C ALA B 55 -18.47 26.98 34.82
N SER B 56 -19.00 26.88 33.60
CA SER B 56 -20.39 26.51 33.40
C SER B 56 -20.71 25.06 33.75
N LYS B 57 -19.79 24.14 33.47
CA LYS B 57 -19.91 22.73 33.90
C LYS B 57 -20.03 22.60 35.42
N LYS B 58 -19.22 23.36 36.16
CA LYS B 58 -19.34 23.40 37.63
C LYS B 58 -20.68 23.98 38.05
N LEU B 59 -21.15 25.02 37.37
CA LEU B 59 -22.42 25.61 37.70
C LEU B 59 -23.62 24.70 37.43
N ILE B 60 -23.54 23.88 36.39
CA ILE B 60 -24.58 22.89 36.13
C ILE B 60 -24.66 21.90 37.30
N ASN B 61 -23.54 21.43 37.82
CA ASN B 61 -23.57 20.52 38.97
C ASN B 61 -24.16 21.20 40.22
N ILE B 62 -23.82 22.46 40.45
CA ILE B 62 -24.37 23.26 41.55
C ILE B 62 -25.88 23.40 41.38
N CYS B 63 -26.37 23.64 40.16
CA CYS B 63 -27.81 23.68 39.92
C CYS B 63 -28.48 22.36 40.31
N SER B 64 -27.94 21.24 39.86
CA SER B 64 -28.53 19.94 40.19
C SER B 64 -28.55 19.68 41.70
N LYS B 65 -27.45 19.96 42.39
CA LYS B 65 -27.38 19.77 43.83
C LYS B 65 -28.35 20.69 44.56
N ALA B 66 -28.45 21.94 44.13
CA ALA B 66 -29.40 22.91 44.72
C ALA B 66 -30.87 22.46 44.57
N VAL B 67 -31.25 22.02 43.38
CA VAL B 67 -32.59 21.45 43.15
C VAL B 67 -32.81 20.29 44.07
N GLY B 68 -31.84 19.38 44.15
CA GLY B 68 -31.97 18.22 45.03
C GLY B 68 -32.20 18.60 46.48
N ALA B 69 -31.43 19.57 46.96
CA ALA B 69 -31.54 20.01 48.35
C ALA B 69 -32.91 20.68 48.57
N LYS B 70 -33.36 21.50 47.62
CA LYS B 70 -34.67 22.18 47.75
C LYS B 70 -35.85 21.16 47.72
N LYS B 71 -35.77 20.17 46.83
CA LYS B 71 -36.84 19.16 46.75
C LYS B 71 -36.90 18.32 48.00
N LYS B 72 -35.73 17.96 48.52
CA LYS B 72 -35.64 17.23 49.78
C LYS B 72 -36.31 18.00 50.92
N ALA B 73 -36.13 19.32 50.94
CA ALA B 73 -36.70 20.18 52.01
C ALA B 73 -38.16 20.57 51.75
N LYS B 74 -38.72 20.15 50.61
CA LYS B 74 -40.06 20.51 50.12
C LYS B 74 -40.27 22.00 49.92
N GLU B 75 -39.21 22.70 49.51
CA GLU B 75 -39.34 24.09 49.13
C GLU B 75 -40.24 24.19 47.90
N ALA B 76 -41.11 25.19 47.84
CA ALA B 76 -41.99 25.35 46.66
C ALA B 76 -41.10 25.58 45.41
N ASP B 77 -41.54 25.05 44.27
CA ASP B 77 -40.77 25.19 43.02
C ASP B 77 -40.47 26.61 42.63
N GLY B 78 -41.39 27.54 42.94
CA GLY B 78 -41.18 28.97 42.69
C GLY B 78 -42.15 29.59 41.71
N ASP B 79 -42.03 30.90 41.52
CA ASP B 79 -43.00 31.70 40.78
C ASP B 79 -42.77 31.64 39.27
N THR B 80 -41.52 31.54 38.86
CA THR B 80 -41.17 31.67 37.47
C THR B 80 -39.84 31.02 37.20
N SER B 81 -39.67 30.60 35.96
CA SER B 81 -38.40 30.04 35.55
C SER B 81 -37.47 31.09 34.94
N GLU B 82 -37.94 32.33 34.82
CA GLU B 82 -37.20 33.38 34.12
C GLU B 82 -35.87 33.70 34.80
N ILE B 83 -34.79 33.68 34.01
CA ILE B 83 -33.43 33.95 34.50
C ILE B 83 -33.16 35.45 34.50
N PRO B 84 -32.70 35.99 35.66
CA PRO B 84 -32.31 37.42 35.70
C PRO B 84 -31.25 37.75 34.64
N PRO B 85 -31.40 38.85 33.91
CA PRO B 85 -30.39 39.28 32.91
C PRO B 85 -28.96 39.33 33.47
N GLN B 86 -28.79 39.79 34.71
CA GLN B 86 -27.46 39.81 35.34
C GLN B 86 -26.87 38.42 35.50
N VAL B 87 -27.71 37.42 35.73
CA VAL B 87 -27.25 36.05 35.85
C VAL B 87 -26.75 35.55 34.50
N LYS B 88 -27.50 35.83 33.44
CA LYS B 88 -27.07 35.45 32.09
C LYS B 88 -25.76 36.14 31.71
N GLU B 89 -25.67 37.43 32.05
CA GLU B 89 -24.45 38.17 31.79
C GLU B 89 -23.25 37.56 32.52
N ALA B 90 -23.47 37.16 33.77
CA ALA B 90 -22.42 36.60 34.58
C ALA B 90 -21.88 35.27 34.01
N TYR B 91 -22.76 34.35 33.61
CA TYR B 91 -22.25 33.09 33.09
C TYR B 91 -21.66 33.23 31.67
N GLU B 92 -22.15 34.20 30.89
CA GLU B 92 -21.55 34.51 29.59
C GLU B 92 -20.14 35.08 29.75
N ASN B 93 -19.86 35.69 30.90
CA ASN B 93 -18.57 36.30 31.19
C ASN B 93 -17.71 35.45 32.15
N GLY B 94 -18.24 34.32 32.61
CA GLY B 94 -17.51 33.45 33.53
C GLY B 94 -17.37 33.96 34.95
N THR B 95 -18.30 34.81 35.41
CA THR B 95 -18.24 35.39 36.74
C THR B 95 -19.46 35.03 37.63
N LEU B 96 -20.29 34.10 37.19
CA LEU B 96 -21.44 33.69 37.99
C LEU B 96 -20.95 32.78 39.11
N LYS B 97 -21.34 33.12 40.34
CA LYS B 97 -20.91 32.42 41.55
C LYS B 97 -22.00 31.48 42.01
N GLY B 98 -21.59 30.35 42.56
CA GLY B 98 -22.52 29.36 43.11
C GLY B 98 -23.44 29.94 44.18
N GLU B 99 -22.93 30.83 45.01
CA GLU B 99 -23.75 31.41 46.07
C GLU B 99 -24.93 32.22 45.49
N GLN B 100 -24.74 32.80 44.31
CA GLN B 100 -25.80 33.51 43.64
C GLN B 100 -26.76 32.53 43.00
N VAL B 101 -26.24 31.47 42.39
CA VAL B 101 -27.10 30.44 41.78
C VAL B 101 -28.05 29.83 42.83
N GLU B 102 -27.53 29.63 44.03
CA GLU B 102 -28.29 29.05 45.14
C GLU B 102 -29.43 29.93 45.68
N GLN B 103 -29.47 31.19 45.26
CA GLN B 103 -30.60 32.08 45.57
C GLN B 103 -31.81 31.92 44.64
N LEU B 104 -31.62 31.24 43.52
CA LEU B 104 -32.69 31.01 42.56
C LEU B 104 -33.67 29.94 43.03
N CYS B 105 -34.92 30.00 42.57
CA CYS B 105 -35.88 28.95 42.86
C CYS B 105 -35.63 27.72 41.97
N VAL B 106 -36.30 26.62 42.31
CA VAL B 106 -36.19 25.40 41.55
C VAL B 106 -36.48 25.61 40.05
N LEU B 107 -37.55 26.33 39.72
CA LEU B 107 -37.87 26.53 38.30
C LEU B 107 -36.74 27.24 37.56
N GLN B 108 -36.14 28.20 38.22
CA GLN B 108 -35.02 28.95 37.65
C GLN B 108 -33.76 28.11 37.49
N LEU B 109 -33.45 27.32 38.52
CA LEU B 109 -32.31 26.42 38.53
C LEU B 109 -32.40 25.42 37.38
N LYS B 110 -33.60 24.91 37.16
CA LYS B 110 -33.86 24.02 36.03
C LYS B 110 -33.63 24.70 34.70
N GLN B 111 -34.19 25.89 34.51
CA GLN B 111 -34.00 26.64 33.28
C GLN B 111 -32.52 26.97 33.09
N LEU B 112 -31.86 27.39 34.17
CA LEU B 112 -30.46 27.77 34.10
C LEU B 112 -29.60 26.54 33.71
N SER B 113 -29.91 25.36 34.25
CA SER B 113 -29.15 24.17 33.90
C SER B 113 -29.26 23.89 32.41
N LYS B 114 -30.46 24.03 31.86
CA LYS B 114 -30.65 23.86 30.43
C LYS B 114 -29.87 24.93 29.64
N ASP B 115 -29.91 26.16 30.12
CA ASP B 115 -29.25 27.26 29.39
C ASP B 115 -27.71 27.11 29.43
N LEU B 116 -27.19 26.73 30.60
CA LEU B 116 -25.76 26.43 30.71
C LEU B 116 -25.32 25.24 29.83
N SER B 117 -26.17 24.23 29.70
CA SER B 117 -25.88 23.10 28.83
C SER B 117 -25.83 23.54 27.37
N ASP B 118 -26.71 24.45 26.97
CA ASP B 118 -26.70 24.99 25.61
C ASP B 118 -25.44 25.82 25.41
N GLN B 119 -25.07 26.62 26.41
CA GLN B 119 -23.84 27.41 26.32
C GLN B 119 -22.61 26.50 26.12
N VAL B 120 -22.53 25.42 26.91
CA VAL B 120 -21.43 24.48 26.81
C VAL B 120 -21.38 23.85 25.41
N ALA B 121 -22.54 23.55 24.82
CA ALA B 121 -22.62 23.05 23.44
C ALA B 121 -22.17 24.08 22.38
N GLY B 122 -22.62 25.32 22.50
CA GLY B 122 -22.20 26.39 21.57
C GLY B 122 -20.71 26.64 21.67
N LEU B 123 -20.20 26.61 22.90
CA LEU B 123 -18.76 26.79 23.18
C LEU B 123 -17.87 25.68 22.60
N ALA B 124 -18.39 24.45 22.51
CA ALA B 124 -17.64 23.34 21.88
C ALA B 124 -17.48 23.53 20.36
N LYS B 125 -18.52 24.05 19.72
CA LYS B 125 -18.48 24.39 18.28
C LYS B 125 -17.59 25.61 17.97
N GLU B 126 -17.72 26.67 18.78
CA GLU B 126 -16.83 27.83 18.70
C GLU B 126 -15.40 27.37 18.90
N ALA B 127 -15.19 26.53 19.92
CA ALA B 127 -13.86 26.01 20.23
C ALA B 127 -13.22 25.39 19.02
N GLN B 128 -14.00 24.66 18.22
CA GLN B 128 -13.40 23.90 17.12
C GLN B 128 -13.20 24.69 15.82
N GLN B 129 -14.04 25.68 15.55
CA GLN B 129 -13.80 26.64 14.46
C GLN B 129 -12.55 27.47 14.77
N LEU B 130 -12.41 27.89 16.04
CA LEU B 130 -11.19 28.56 16.50
C LEU B 130 -9.95 27.67 16.45
N GLU B 131 -10.10 26.41 16.82
CA GLU B 131 -9.00 25.45 16.80
C GLU B 131 -8.54 25.14 15.33
N GLU B 132 -9.49 25.10 14.40
CA GLU B 132 -9.18 24.90 12.98
C GLU B 132 -8.50 26.15 12.38
N GLU B 133 -9.06 27.32 12.70
CA GLU B 133 -8.48 28.60 12.26
C GLU B 133 -7.06 28.76 12.78
N ARG B 134 -6.86 28.39 14.05
CA ARG B 134 -5.52 28.47 14.67
C ARG B 134 -4.50 27.56 14.00
N ASP B 135 -4.76 26.24 13.99
CA ASP B 135 -3.77 25.33 13.44
C ASP B 135 -3.45 25.63 11.98
N LYS B 136 -4.48 26.03 11.21
CA LYS B 136 -4.30 26.45 9.82
C LYS B 136 -3.28 27.61 9.71
N LEU B 137 -3.39 28.60 10.61
CA LEU B 137 -2.38 29.66 10.74
C LEU B 137 -1.01 29.10 11.14
N MET B 138 -1.02 28.01 11.91
CA MET B 138 0.21 27.34 12.38
C MET B 138 0.90 26.50 11.30
N LEU B 139 0.20 26.20 10.22
CA LEU B 139 0.80 25.41 9.12
C LEU B 139 2.09 26.04 8.64
N ASN B 140 2.21 27.36 8.75
CA ASN B 140 3.37 28.10 8.24
C ASN B 140 4.56 28.28 9.22
N VAL B 141 4.51 27.64 10.40
CA VAL B 141 5.54 27.83 11.46
C VAL B 141 6.43 26.58 11.67
N GLY B 142 7.74 26.74 11.43
CA GLY B 142 8.69 25.64 11.51
C GLY B 142 9.29 25.36 12.88
N ASN B 143 9.86 24.18 13.02
CA ASN B 143 10.58 23.81 14.23
C ASN B 143 11.69 24.77 14.49
N ILE B 144 12.06 24.91 15.77
CA ILE B 144 13.08 25.85 16.16
C ILE B 144 14.42 25.33 15.62
N LEU B 145 15.09 26.18 14.85
CA LEU B 145 16.32 25.80 14.16
C LEU B 145 17.40 25.48 15.16
N HIS B 146 18.16 24.43 14.91
CA HIS B 146 19.42 24.25 15.61
C HIS B 146 20.38 25.39 15.24
N GLU B 147 21.23 25.73 16.21
CA GLU B 147 22.18 26.85 16.07
C GLU B 147 23.16 26.69 14.92
N SER B 148 23.39 25.46 14.46
CA SER B 148 24.35 25.17 13.41
C SER B 148 23.76 25.18 11.99
N VAL B 149 22.47 25.44 11.84
CA VAL B 149 21.85 25.45 10.52
C VAL B 149 22.37 26.66 9.74
N PRO B 150 22.85 26.44 8.50
CA PRO B 150 23.20 27.56 7.65
C PRO B 150 21.97 28.41 7.35
N ILE B 151 22.14 29.73 7.42
CA ILE B 151 21.07 30.68 7.19
C ILE B 151 21.11 31.15 5.74
N ALA B 152 20.23 30.60 4.91
CA ALA B 152 20.13 30.98 3.51
C ALA B 152 18.77 30.54 2.99
N GLN B 153 18.31 31.13 1.88
CA GLN B 153 17.02 30.81 1.28
C GLN B 153 17.12 29.66 0.29
N ASP B 154 18.14 29.71 -0.58
CA ASP B 154 18.28 28.81 -1.72
C ASP B 154 19.31 27.69 -1.49
N GLU B 155 18.85 26.46 -1.66
CA GLU B 155 19.71 25.25 -1.58
C GLU B 155 20.97 25.30 -2.41
N GLU B 156 20.82 25.57 -3.71
CA GLU B 156 21.94 25.43 -4.64
C GLU B 156 23.19 26.24 -4.25
N THR B 157 22.99 27.29 -3.44
CA THR B 157 24.10 28.06 -2.88
C THR B 157 24.19 28.02 -1.34
N GLY B 158 23.07 27.76 -0.66
CA GLY B 158 23.02 27.88 0.80
C GLY B 158 23.45 26.66 1.61
N ASN B 159 23.34 25.48 1.01
CA ASN B 159 23.74 24.26 1.70
C ASN B 159 25.24 24.28 1.96
N THR B 160 25.65 23.68 3.07
CA THR B 160 27.05 23.57 3.43
C THR B 160 27.51 22.15 3.19
N VAL B 161 28.54 21.96 2.36
CA VAL B 161 29.12 20.62 2.19
C VAL B 161 29.95 20.32 3.43
N VAL B 162 29.64 19.25 4.16
CA VAL B 162 30.30 18.93 5.43
C VAL B 162 31.47 17.99 5.25
N ARG B 163 31.30 17.02 4.35
CA ARG B 163 32.14 15.84 4.30
C ARG B 163 32.01 15.24 2.89
N THR B 164 33.08 14.67 2.35
CA THR B 164 32.99 13.89 1.09
C THR B 164 33.67 12.54 1.21
N PHE B 165 33.25 11.61 0.37
CA PHE B 165 33.82 10.27 0.33
C PHE B 165 33.97 9.80 -1.11
N GLY B 166 35.14 9.27 -1.44
CA GLY B 166 35.34 8.54 -2.68
C GLY B 166 35.71 9.45 -3.80
N ASN B 167 35.75 8.90 -5.00
CA ASN B 167 36.16 9.65 -6.15
C ASN B 167 34.89 10.30 -6.74
N THR B 168 34.74 11.61 -6.55
CA THR B 168 33.49 12.33 -6.91
C THR B 168 33.66 13.18 -8.16
N THR B 169 34.74 12.98 -8.90
CA THR B 169 34.92 13.59 -10.19
C THR B 169 35.01 12.57 -11.34
N LYS B 170 35.06 11.27 -11.04
CA LYS B 170 35.16 10.28 -12.13
C LYS B 170 33.90 10.32 -12.99
N ARG B 171 34.06 10.06 -14.28
CA ARG B 171 32.93 10.04 -15.20
C ARG B 171 32.76 8.65 -15.77
N ALA B 172 31.57 8.37 -16.28
CA ALA B 172 31.23 7.05 -16.75
C ALA B 172 30.36 7.23 -18.00
N LYS B 173 30.22 6.17 -18.78
CA LYS B 173 29.62 6.30 -20.11
C LYS B 173 28.10 6.39 -20.05
N LEU B 174 27.45 5.38 -19.51
CA LEU B 174 25.99 5.26 -19.61
C LEU B 174 25.29 5.66 -18.31
N ASN B 175 24.21 6.43 -18.41
CA ASN B 175 23.41 6.79 -17.21
C ASN B 175 22.52 5.60 -16.80
N HIS B 176 21.93 5.70 -15.62
CA HIS B 176 21.15 4.59 -15.06
C HIS B 176 19.97 4.18 -15.95
N VAL B 177 19.39 5.14 -16.68
CA VAL B 177 18.26 4.81 -17.56
C VAL B 177 18.74 3.91 -18.71
N SER B 178 19.84 4.29 -19.34
CA SER B 178 20.42 3.53 -20.44
C SER B 178 20.91 2.14 -20.00
N ILE B 179 21.44 2.06 -18.79
CA ILE B 179 21.95 0.78 -18.28
C ILE B 179 20.82 -0.19 -18.04
N MET B 180 19.81 0.27 -17.31
CA MET B 180 18.66 -0.57 -17.00
C MET B 180 17.90 -0.98 -18.26
N GLU B 181 17.86 -0.09 -19.25
CA GLU B 181 17.31 -0.43 -20.59
C GLU B 181 18.10 -1.57 -21.26
N ARG B 182 19.41 -1.42 -21.32
CA ARG B 182 20.27 -2.40 -21.96
C ARG B 182 20.32 -3.73 -21.22
N LEU B 183 20.05 -3.71 -19.92
CA LEU B 183 19.93 -4.95 -19.14
C LEU B 183 18.73 -5.77 -19.56
N GLY B 184 17.72 -5.12 -20.15
CA GLY B 184 16.45 -5.79 -20.43
C GLY B 184 15.62 -6.10 -19.20
N MET B 185 15.93 -5.45 -18.08
CA MET B 185 15.36 -5.80 -16.77
C MET B 185 14.46 -4.73 -16.16
N MET B 186 14.19 -3.66 -16.91
CA MET B 186 13.31 -2.58 -16.43
C MET B 186 12.41 -2.19 -17.59
N ASP B 187 11.10 -2.22 -17.37
CA ASP B 187 10.14 -1.81 -18.38
C ASP B 187 9.36 -0.61 -17.83
N THR B 188 9.50 0.53 -18.49
CA THR B 188 8.73 1.73 -18.23
C THR B 188 8.00 2.22 -19.47
N SER B 189 7.81 1.32 -20.46
CA SER B 189 7.15 1.64 -21.72
C SER B 189 5.63 1.69 -21.49
N LYS B 190 4.88 1.90 -22.57
CA LYS B 190 3.40 1.89 -22.55
C LYS B 190 2.77 0.54 -22.16
N ALA B 191 3.46 -0.57 -22.42
CA ALA B 191 3.04 -1.87 -21.87
C ALA B 191 2.75 -1.74 -20.36
N VAL B 192 3.55 -0.92 -19.66
CA VAL B 192 3.38 -0.74 -18.23
C VAL B 192 2.57 0.53 -17.90
N THR B 193 2.86 1.65 -18.55
CA THR B 193 2.18 2.90 -18.16
C THR B 193 0.71 2.93 -18.55
N SER B 194 0.29 2.21 -19.58
CA SER B 194 -1.13 2.14 -19.95
C SER B 194 -1.93 1.21 -19.02
N MET B 195 -1.19 0.44 -18.24
CA MET B 195 -1.67 -0.45 -17.20
C MET B 195 -1.79 0.23 -15.82
N ALA B 196 -0.76 0.97 -15.44
CA ALA B 196 -0.58 1.47 -14.08
C ALA B 196 -0.36 2.99 -13.97
N GLY B 197 -0.40 3.71 -15.08
CA GLY B 197 -0.21 5.16 -15.10
C GLY B 197 1.24 5.62 -15.25
N GLY B 198 1.41 6.95 -15.29
CA GLY B 198 2.72 7.58 -15.42
C GLY B 198 3.69 7.16 -14.33
N ARG B 199 4.97 7.04 -14.69
CA ARG B 199 6.05 6.70 -13.76
C ARG B 199 5.96 5.29 -13.18
N SER B 200 5.08 4.44 -13.71
CA SER B 200 5.00 3.07 -13.24
C SER B 200 6.10 2.27 -13.93
N TYR B 201 6.53 1.18 -13.30
CA TYR B 201 7.60 0.36 -13.84
C TYR B 201 7.44 -1.08 -13.45
N VAL B 202 8.02 -1.94 -14.27
CA VAL B 202 8.19 -3.33 -13.95
C VAL B 202 9.69 -3.59 -13.87
N LEU B 203 10.12 -4.25 -12.80
CA LEU B 203 11.48 -4.78 -12.76
C LEU B 203 11.45 -6.29 -12.95
N LYS B 204 12.47 -6.80 -13.64
CA LYS B 204 12.60 -8.23 -13.91
C LYS B 204 14.02 -8.72 -13.60
N GLY B 205 14.13 -10.03 -13.39
CA GLY B 205 15.41 -10.73 -13.46
C GLY B 205 16.38 -10.24 -12.40
N GLY B 206 17.61 -9.96 -12.84
CA GLY B 206 18.69 -9.57 -11.94
C GLY B 206 18.41 -8.31 -11.13
N LEU B 207 17.59 -7.40 -11.68
CA LEU B 207 17.27 -6.16 -10.95
C LEU B 207 16.34 -6.39 -9.77
N VAL B 208 15.42 -7.33 -9.89
CA VAL B 208 14.65 -7.77 -8.71
C VAL B 208 15.54 -8.46 -7.69
N GLN B 209 16.48 -9.27 -8.17
CA GLN B 209 17.41 -9.92 -7.25
C GLN B 209 18.25 -8.86 -6.51
N LEU B 210 18.68 -7.81 -7.21
CA LEU B 210 19.42 -6.71 -6.63
C LEU B 210 18.56 -5.91 -5.63
N GLN B 211 17.30 -5.66 -6.01
CA GLN B 211 16.34 -5.00 -5.13
C GLN B 211 16.19 -5.73 -3.79
N VAL B 212 15.94 -7.03 -3.87
CA VAL B 212 15.80 -7.88 -2.66
C VAL B 212 17.11 -7.94 -1.89
N ALA B 213 18.22 -8.04 -2.59
CA ALA B 213 19.52 -8.07 -1.94
C ALA B 213 19.74 -6.77 -1.11
N LEU B 214 19.40 -5.63 -1.67
CA LEU B 214 19.49 -4.36 -0.95
C LEU B 214 18.55 -4.26 0.24
N VAL B 215 17.32 -4.73 0.10
CA VAL B 215 16.38 -4.75 1.22
C VAL B 215 16.95 -5.59 2.37
N SER B 216 17.40 -6.79 2.06
CA SER B 216 17.87 -7.70 3.11
C SER B 216 19.21 -7.24 3.72
N TYR B 217 20.15 -6.81 2.88
CA TYR B 217 21.42 -6.26 3.37
C TYR B 217 21.18 -5.01 4.24
N SER B 218 20.30 -4.12 3.79
CA SER B 218 19.99 -2.88 4.55
C SER B 218 19.41 -3.20 5.92
N LEU B 219 18.51 -4.17 5.95
CA LEU B 219 17.86 -4.54 7.18
C LEU B 219 18.89 -5.14 8.13
N ASP B 220 19.74 -6.04 7.62
CA ASP B 220 20.81 -6.63 8.41
C ASP B 220 21.80 -5.59 8.94
N PHE B 221 22.15 -4.63 8.10
CA PHE B 221 23.03 -3.54 8.44
C PHE B 221 22.55 -2.80 9.67
N LEU B 222 21.24 -2.57 9.74
CA LEU B 222 20.70 -1.85 10.92
C LEU B 222 20.51 -2.76 12.13
N VAL B 223 20.16 -4.03 11.90
CA VAL B 223 20.06 -5.00 13.01
C VAL B 223 21.39 -5.12 13.77
N LYS B 224 22.49 -5.22 13.03
CA LYS B 224 23.84 -5.23 13.62
C LYS B 224 24.17 -4.00 14.42
N ARG B 225 23.50 -2.89 14.14
CA ARG B 225 23.71 -1.63 14.86
C ARG B 225 22.70 -1.35 15.96
N GLY B 226 21.89 -2.35 16.30
CA GLY B 226 20.95 -2.25 17.42
C GLY B 226 19.59 -1.65 17.06
N TYR B 227 19.23 -1.63 15.78
CA TYR B 227 17.89 -1.20 15.40
C TYR B 227 16.94 -2.40 15.37
N THR B 228 15.70 -2.16 15.80
CA THR B 228 14.65 -3.15 15.75
C THR B 228 13.85 -3.03 14.47
N PRO B 229 13.85 -4.10 13.66
CA PRO B 229 13.01 -4.07 12.46
C PRO B 229 11.56 -3.75 12.74
N PHE B 230 10.91 -3.03 11.84
CA PHE B 230 9.51 -2.60 12.03
C PHE B 230 8.86 -2.55 10.65
N TYR B 231 7.89 -3.44 10.46
CA TYR B 231 7.11 -3.55 9.24
C TYR B 231 5.71 -3.02 9.53
N PRO B 232 5.34 -1.87 8.97
CA PRO B 232 4.09 -1.21 9.31
C PRO B 232 2.92 -1.55 8.37
N PRO B 233 1.69 -1.21 8.77
CA PRO B 233 0.62 -1.07 7.80
C PRO B 233 0.97 0.05 6.81
N PHE B 234 0.59 -0.15 5.55
CA PHE B 234 0.86 0.80 4.49
C PHE B 234 -0.29 1.82 4.36
N PHE B 235 -1.36 1.66 5.15
CA PHE B 235 -2.52 2.56 5.19
C PHE B 235 -2.53 3.29 6.52
N LEU B 236 -2.89 4.57 6.52
CA LEU B 236 -3.26 5.29 7.75
C LEU B 236 -4.58 6.04 7.56
N ASN B 237 -5.46 6.03 8.55
CA ASN B 237 -6.70 6.79 8.43
C ASN B 237 -6.43 8.30 8.55
N ARG B 238 -7.41 9.10 8.14
CA ARG B 238 -7.25 10.56 8.05
C ARG B 238 -6.78 11.20 9.35
N ASP B 239 -7.48 10.91 10.44
CA ASP B 239 -7.19 11.50 11.73
C ASP B 239 -5.72 11.29 12.09
N VAL B 240 -5.25 10.06 11.98
CA VAL B 240 -3.89 9.75 12.40
C VAL B 240 -2.86 10.30 11.40
N MET B 241 -3.15 10.16 10.11
CA MET B 241 -2.25 10.69 9.08
C MET B 241 -2.01 12.20 9.29
N GLY B 242 -3.05 12.93 9.67
CA GLY B 242 -2.91 14.36 9.95
C GLY B 242 -2.06 14.73 11.15
N GLU B 243 -1.76 13.78 12.05
CA GLU B 243 -0.86 14.07 13.19
C GLU B 243 0.60 13.97 12.77
N VAL B 244 0.84 13.24 11.69
CA VAL B 244 2.18 12.98 11.20
C VAL B 244 2.40 13.54 9.79
N ALA B 245 1.40 14.21 9.21
CA ALA B 245 1.65 14.95 7.97
C ALA B 245 1.02 16.34 8.01
N GLN B 246 1.59 17.25 7.22
CA GLN B 246 0.96 18.56 7.05
C GLN B 246 -0.03 18.53 5.88
N LEU B 247 -0.94 19.50 5.84
CA LEU B 247 -2.02 19.53 4.82
C LEU B 247 -1.47 19.51 3.39
N SER B 248 -0.29 20.09 3.18
CA SER B 248 0.31 20.16 1.85
C SER B 248 0.72 18.77 1.32
N GLN B 249 1.03 17.84 2.23
CA GLN B 249 1.33 16.47 1.81
C GLN B 249 0.09 15.73 1.29
N PHE B 250 -1.08 16.03 1.84
CA PHE B 250 -2.35 15.46 1.35
C PHE B 250 -2.58 15.88 -0.10
N ASP B 251 -2.26 17.14 -0.41
CA ASP B 251 -2.45 17.65 -1.77
C ASP B 251 -1.40 17.09 -2.73
N GLU B 252 -0.14 17.07 -2.32
CA GLU B 252 0.96 16.81 -3.24
C GLU B 252 1.53 15.41 -3.20
N GLU B 253 1.34 14.70 -2.09
CA GLU B 253 2.11 13.48 -1.88
C GLU B 253 1.27 12.20 -1.64
N LEU B 254 0.13 12.30 -0.95
CA LEU B 254 -0.52 11.08 -0.41
C LEU B 254 -1.68 10.57 -1.27
N TYR B 255 -1.61 9.33 -1.71
CA TYR B 255 -2.78 8.69 -2.33
C TYR B 255 -3.86 8.38 -1.29
N GLN B 256 -5.12 8.54 -1.69
CA GLN B 256 -6.27 8.16 -0.88
C GLN B 256 -6.72 6.74 -1.28
N VAL B 257 -7.02 5.90 -0.28
CA VAL B 257 -7.49 4.52 -0.49
C VAL B 257 -8.90 4.38 0.07
N SER B 258 -9.78 3.76 -0.70
CA SER B 258 -11.14 3.55 -0.24
C SER B 258 -11.73 2.20 -0.66
N GLY B 259 -12.95 1.93 -0.21
CA GLY B 259 -13.71 0.71 -0.51
C GLY B 259 -14.10 -0.07 0.74
N ASP B 260 -13.25 -0.03 1.76
CA ASP B 260 -13.39 -0.83 2.97
C ASP B 260 -13.11 0.04 4.21
N GLY B 261 -14.16 0.28 5.00
CA GLY B 261 -14.09 1.15 6.17
C GLY B 261 -14.16 2.61 5.78
N ASP B 262 -13.53 3.48 6.58
CA ASP B 262 -13.39 4.90 6.21
C ASP B 262 -12.17 5.11 5.28
N LYS B 263 -12.05 6.31 4.73
CA LYS B 263 -10.95 6.66 3.83
C LYS B 263 -9.59 6.58 4.54
N LYS B 264 -8.60 6.09 3.81
CA LYS B 264 -7.26 5.96 4.36
C LYS B 264 -6.32 6.56 3.36
N TYR B 265 -5.07 6.69 3.75
CA TYR B 265 -4.02 7.19 2.87
C TYR B 265 -2.89 6.21 2.83
N LEU B 266 -2.28 6.05 1.66
CA LEU B 266 -1.07 5.23 1.53
C LEU B 266 0.11 6.00 2.16
N ILE B 267 0.98 5.29 2.86
CA ILE B 267 2.15 5.91 3.46
C ILE B 267 3.19 6.31 2.41
N ALA B 268 3.81 7.47 2.64
CA ALA B 268 4.88 7.99 1.78
C ALA B 268 6.25 7.60 2.31
N THR B 269 6.29 7.09 3.54
CA THR B 269 7.51 6.66 4.21
C THR B 269 7.10 5.90 5.49
N SER B 270 7.89 4.91 5.90
CA SER B 270 7.62 4.20 7.16
C SER B 270 7.70 5.12 8.38
N GLU B 271 8.34 6.29 8.24
CA GLU B 271 8.38 7.35 9.29
C GLU B 271 6.98 7.68 9.78
N MET B 272 6.02 7.71 8.88
CA MET B 272 4.67 8.09 9.24
C MET B 272 4.00 7.08 10.22
N PRO B 273 3.89 5.81 9.84
CA PRO B 273 3.28 4.85 10.77
C PRO B 273 4.13 4.60 12.01
N ILE B 274 5.45 4.73 11.92
CA ILE B 274 6.28 4.55 13.10
C ILE B 274 6.02 5.69 14.12
N ALA B 275 6.00 6.92 13.64
CA ALA B 275 5.63 8.06 14.47
C ALA B 275 4.25 7.87 15.09
N ALA B 276 3.28 7.51 14.25
CA ALA B 276 1.88 7.32 14.67
C ALA B 276 1.72 6.20 15.71
N TYR B 277 2.53 5.16 15.57
CA TYR B 277 2.54 4.07 16.52
C TYR B 277 2.85 4.53 17.96
N HIS B 278 3.53 5.68 18.11
CA HIS B 278 3.89 6.23 19.41
C HIS B 278 2.86 7.22 19.94
N ARG B 279 1.73 7.35 19.26
CA ARG B 279 0.77 8.35 19.70
C ARG B 279 0.22 7.98 21.06
N GLY B 280 0.17 8.96 21.95
CA GLY B 280 -0.35 8.77 23.31
C GLY B 280 0.60 8.00 24.21
N ARG B 281 1.77 7.57 23.74
CA ARG B 281 2.69 6.89 24.64
C ARG B 281 3.32 7.89 25.64
N TRP B 282 3.93 7.33 26.68
CA TRP B 282 4.54 8.15 27.74
C TRP B 282 5.68 7.32 28.29
N PHE B 283 6.89 7.71 27.94
CA PHE B 283 8.08 7.03 28.36
C PHE B 283 8.59 7.83 29.53
N THR B 284 8.63 7.21 30.69
CA THR B 284 9.04 7.95 31.87
C THR B 284 10.54 8.16 31.80
N GLU B 285 11.24 7.20 31.24
CA GLU B 285 12.68 7.30 31.07
C GLU B 285 13.05 6.52 29.83
N LEU B 286 14.04 7.02 29.11
CA LEU B 286 14.61 6.32 27.97
C LEU B 286 16.14 6.30 28.14
N LYS B 287 16.63 5.44 29.04
CA LYS B 287 18.07 5.31 29.29
C LYS B 287 18.79 4.91 28.00
N GLU B 288 18.20 3.96 27.27
CA GLU B 288 18.55 3.70 25.87
C GLU B 288 17.45 4.21 24.96
N PRO B 289 17.82 4.73 23.78
CA PRO B 289 16.79 5.15 22.86
C PRO B 289 16.05 3.95 22.23
N LEU B 290 14.89 4.21 21.68
CA LEU B 290 14.18 3.24 20.85
C LEU B 290 14.62 3.48 19.42
N LYS B 291 15.24 2.48 18.82
CA LYS B 291 15.70 2.58 17.46
C LYS B 291 15.00 1.55 16.59
N TYR B 292 14.40 2.01 15.50
CA TYR B 292 13.64 1.17 14.61
C TYR B 292 14.21 1.24 13.23
N ALA B 293 14.28 0.07 12.59
CA ALA B 293 14.61 -0.06 11.18
C ALA B 293 13.31 -0.29 10.43
N GLY B 294 12.70 0.79 9.95
CA GLY B 294 11.48 0.71 9.17
C GLY B 294 11.67 0.13 7.77
N MET B 295 10.78 -0.80 7.42
CA MET B 295 10.80 -1.48 6.13
C MET B 295 9.43 -1.38 5.52
N SER B 296 9.33 -0.73 4.36
CA SER B 296 8.06 -0.62 3.70
C SER B 296 8.20 -0.20 2.25
N THR B 297 7.13 -0.40 1.51
CA THR B 297 6.92 0.26 0.22
C THR B 297 6.43 1.68 0.56
N CYS B 298 6.88 2.66 -0.20
CA CYS B 298 6.47 4.01 -0.07
C CYS B 298 5.70 4.39 -1.33
N PHE B 299 4.67 5.20 -1.15
CA PHE B 299 3.81 5.63 -2.24
C PHE B 299 3.73 7.16 -2.23
N ARG B 300 4.09 7.77 -3.36
CA ARG B 300 4.08 9.22 -3.53
C ARG B 300 3.45 9.63 -4.83
N LYS B 301 2.44 10.50 -4.75
CA LYS B 301 1.78 11.03 -5.93
C LYS B 301 2.72 11.87 -6.78
N GLU B 302 3.69 12.54 -6.15
CA GLU B 302 4.62 13.45 -6.85
C GLU B 302 3.83 14.48 -7.64
N ALA B 303 2.87 15.12 -6.97
CA ALA B 303 1.96 16.04 -7.67
C ALA B 303 2.72 17.25 -8.21
N GLY B 304 3.69 17.74 -7.44
CA GLY B 304 4.54 18.88 -7.85
C GLY B 304 5.49 18.53 -8.97
N ALA B 305 6.23 17.43 -8.82
CA ALA B 305 7.10 16.92 -9.89
C ALA B 305 6.25 16.29 -11.00
N HIS B 306 5.56 17.13 -11.77
CA HIS B 306 4.66 16.68 -12.83
C HIS B 306 5.46 15.99 -13.94
N GLY B 307 6.38 16.74 -14.54
CA GLY B 307 7.35 16.18 -15.48
C GLY B 307 8.73 16.66 -15.12
N ARG B 308 9.13 16.48 -13.85
CA ARG B 308 10.44 16.96 -13.39
C ARG B 308 11.58 16.06 -13.84
N ASP B 309 11.58 14.81 -13.37
CA ASP B 309 12.56 13.80 -13.84
C ASP B 309 11.98 12.98 -14.99
N THR B 310 10.95 12.19 -14.67
CA THR B 310 10.20 11.32 -15.61
C THR B 310 10.88 9.97 -15.91
N LEU B 311 12.18 10.00 -16.22
CA LEU B 311 12.89 8.85 -16.79
C LEU B 311 13.46 7.85 -15.75
N GLY B 312 13.39 6.57 -16.09
CA GLY B 312 13.87 5.50 -15.23
C GLY B 312 13.11 5.35 -13.94
N ILE B 313 13.79 4.82 -12.93
CA ILE B 313 13.18 4.57 -11.65
C ILE B 313 13.79 5.46 -10.55
N PHE B 314 14.38 6.58 -10.96
CA PHE B 314 14.96 7.51 -10.02
C PHE B 314 13.89 8.22 -9.19
N ARG B 315 12.78 8.60 -9.84
CA ARG B 315 11.68 9.29 -9.15
C ARG B 315 10.40 8.64 -9.62
N VAL B 316 9.86 7.78 -8.77
CA VAL B 316 8.72 6.97 -9.12
C VAL B 316 7.65 7.12 -8.06
N HIS B 317 6.46 6.56 -8.31
CA HIS B 317 5.38 6.60 -7.30
C HIS B 317 5.48 5.50 -6.22
N GLN B 318 6.21 4.43 -6.50
CA GLN B 318 6.24 3.28 -5.61
C GLN B 318 7.65 2.78 -5.48
N PHE B 319 8.16 2.72 -4.27
CA PHE B 319 9.51 2.23 -4.06
C PHE B 319 9.70 1.74 -2.65
N ASP B 320 10.62 0.78 -2.50
CA ASP B 320 11.00 0.23 -1.21
C ASP B 320 11.99 1.15 -0.51
N LYS B 321 11.86 1.25 0.80
CA LYS B 321 12.79 2.04 1.56
C LYS B 321 13.03 1.43 2.93
N ILE B 322 14.27 1.51 3.38
CA ILE B 322 14.64 1.11 4.71
C ILE B 322 15.02 2.39 5.42
N GLU B 323 14.36 2.63 6.55
CA GLU B 323 14.42 3.90 7.26
C GLU B 323 14.92 3.73 8.69
N GLN B 324 15.71 4.70 9.17
CA GLN B 324 16.10 4.77 10.56
C GLN B 324 15.07 5.66 11.27
N PHE B 325 14.60 5.22 12.42
CA PHE B 325 13.69 6.04 13.25
C PHE B 325 14.13 5.88 14.68
N VAL B 326 14.31 7.00 15.37
CA VAL B 326 14.78 7.02 16.74
C VAL B 326 13.83 7.87 17.63
N VAL B 327 13.45 7.30 18.75
CA VAL B 327 12.74 8.01 19.83
C VAL B 327 13.70 8.07 21.01
N CYS B 328 13.94 9.26 21.56
CA CYS B 328 14.93 9.41 22.63
C CYS B 328 14.52 10.46 23.64
N SER B 329 15.26 10.48 24.74
CA SER B 329 15.08 11.52 25.76
C SER B 329 15.25 12.92 25.14
N PRO B 330 14.43 13.89 25.58
CA PRO B 330 14.58 15.28 25.16
C PRO B 330 15.66 16.08 25.91
N ARG B 331 16.37 15.41 26.83
CA ARG B 331 17.29 16.08 27.75
C ARG B 331 18.75 15.95 27.31
N GLN B 332 19.57 16.89 27.77
CA GLN B 332 21.01 16.79 27.65
C GLN B 332 21.49 16.71 26.21
N GLU B 333 20.72 17.31 25.29
CA GLU B 333 21.08 17.37 23.88
C GLU B 333 21.31 15.98 23.29
N GLU B 334 20.68 14.97 23.89
CA GLU B 334 20.87 13.60 23.44
C GLU B 334 20.47 13.44 21.98
N SER B 335 19.38 14.08 21.55
CA SER B 335 18.90 13.87 20.16
C SER B 335 19.92 14.38 19.13
N TRP B 336 20.72 15.36 19.52
CA TRP B 336 21.79 15.88 18.64
C TRP B 336 22.91 14.87 18.45
N ARG B 337 23.22 14.10 19.49
CA ARG B 337 24.18 12.99 19.37
C ARG B 337 23.64 11.87 18.45
N HIS B 338 22.35 11.53 18.59
CA HIS B 338 21.75 10.56 17.69
C HIS B 338 21.72 11.02 16.22
N LEU B 339 21.50 12.31 15.98
CA LEU B 339 21.52 12.79 14.59
C LEU B 339 22.87 12.49 13.96
N GLU B 340 23.95 12.76 14.71
CA GLU B 340 25.30 12.49 14.21
C GLU B 340 25.54 11.01 13.96
N ASP B 341 25.08 10.14 14.85
CA ASP B 341 25.24 8.69 14.65
C ASP B 341 24.43 8.21 13.45
N MET B 342 23.25 8.80 13.23
CA MET B 342 22.38 8.38 12.12
C MET B 342 22.94 8.73 10.76
N ILE B 343 23.45 9.96 10.59
CA ILE B 343 24.06 10.30 9.33
C ILE B 343 25.33 9.46 9.13
N THR B 344 26.07 9.18 10.21
CA THR B 344 27.27 8.34 10.10
C THR B 344 26.89 6.92 9.65
N THR B 345 25.78 6.40 10.17
CA THR B 345 25.31 5.07 9.76
C THR B 345 24.98 5.00 8.26
N SER B 346 24.29 6.02 7.76
CA SER B 346 23.99 6.12 6.33
C SER B 346 25.25 6.28 5.48
N GLU B 347 26.23 7.03 5.99
CA GLU B 347 27.53 7.14 5.33
C GLU B 347 28.22 5.81 5.29
N GLU B 348 28.30 5.12 6.42
CA GLU B 348 28.99 3.84 6.43
C GLU B 348 28.30 2.81 5.48
N PHE B 349 26.97 2.87 5.38
CA PHE B 349 26.23 2.03 4.47
C PHE B 349 26.68 2.28 3.01
N ASN B 350 26.72 3.55 2.62
CA ASN B 350 27.20 3.92 1.28
C ASN B 350 28.68 3.61 1.05
N LYS B 351 29.52 3.82 2.06
CA LYS B 351 30.90 3.37 1.95
C LYS B 351 30.98 1.86 1.72
N SER B 352 30.10 1.09 2.39
CA SER B 352 30.14 -0.35 2.25
C SER B 352 29.77 -0.77 0.82
N LEU B 353 28.93 0.02 0.17
CA LEU B 353 28.51 -0.25 -1.21
C LEU B 353 29.51 0.29 -2.21
N GLY B 354 30.48 1.07 -1.72
CA GLY B 354 31.52 1.65 -2.59
C GLY B 354 30.99 2.81 -3.39
N LEU B 355 30.03 3.56 -2.84
CA LEU B 355 29.42 4.68 -3.59
C LEU B 355 30.00 6.00 -3.11
N PRO B 356 30.57 6.82 -4.02
CA PRO B 356 31.06 8.13 -3.59
C PRO B 356 29.91 9.07 -3.29
N TYR B 357 30.12 10.03 -2.39
CA TYR B 357 29.03 10.92 -2.00
C TYR B 357 29.58 12.17 -1.34
N ARG B 358 28.70 13.13 -1.11
CA ARG B 358 28.97 14.21 -0.18
C ARG B 358 27.82 14.30 0.82
N VAL B 359 28.13 14.83 2.00
CA VAL B 359 27.13 15.12 3.03
C VAL B 359 26.93 16.62 3.12
N VAL B 360 25.68 17.05 3.08
CA VAL B 360 25.35 18.47 3.15
C VAL B 360 24.42 18.79 4.30
N ASN B 361 24.70 19.91 4.94
CA ASN B 361 23.87 20.46 6.00
C ASN B 361 22.91 21.43 5.31
N ILE B 362 21.61 21.15 5.40
CA ILE B 362 20.57 21.85 4.63
C ILE B 362 20.23 23.20 5.21
N CYS B 363 20.20 24.20 4.34
CA CYS B 363 20.05 25.56 4.80
C CYS B 363 18.64 25.82 5.35
N SER B 364 18.57 26.88 6.14
CA SER B 364 17.38 27.25 6.91
C SER B 364 16.13 27.42 6.07
N GLY B 365 16.27 28.09 4.92
CA GLY B 365 15.18 28.34 4.00
C GLY B 365 14.61 27.10 3.30
N ALA B 366 15.40 26.03 3.25
CA ALA B 366 15.01 24.81 2.53
C ALA B 366 14.55 23.70 3.47
N LEU B 367 14.77 23.85 4.78
CA LEU B 367 14.31 22.85 5.73
C LEU B 367 12.80 22.78 5.72
N ASN B 368 12.27 21.57 5.80
CA ASN B 368 10.84 21.36 6.03
C ASN B 368 10.52 21.77 7.48
N ASN B 369 9.25 22.02 7.77
CA ASN B 369 8.85 22.49 9.09
C ASN B 369 9.24 21.61 10.27
N ALA B 370 9.08 20.30 10.15
CA ALA B 370 9.36 19.40 11.27
C ALA B 370 10.83 19.36 11.70
N ALA B 371 11.74 19.56 10.75
CA ALA B 371 13.18 19.42 11.01
C ALA B 371 13.78 20.66 11.72
N ALA B 372 14.53 20.40 12.80
CA ALA B 372 15.36 21.42 13.45
C ALA B 372 16.74 21.54 12.77
N LYS B 373 17.10 20.49 12.04
CA LYS B 373 18.35 20.35 11.31
C LYS B 373 18.23 19.11 10.44
N LYS B 374 18.87 19.16 9.28
CA LYS B 374 18.83 18.05 8.36
C LYS B 374 20.16 17.90 7.64
N TYR B 375 20.66 16.67 7.57
CA TYR B 375 21.77 16.32 6.68
C TYR B 375 21.23 15.53 5.50
N ASP B 376 21.64 15.86 4.28
CA ASP B 376 21.42 14.97 3.13
C ASP B 376 22.72 14.32 2.70
N LEU B 377 22.65 13.07 2.25
CA LEU B 377 23.75 12.42 1.59
C LEU B 377 23.40 12.34 0.10
N GLU B 378 24.22 12.99 -0.70
CA GLU B 378 24.08 13.05 -2.16
C GLU B 378 25.19 12.24 -2.76
N ALA B 379 24.79 11.16 -3.43
CA ALA B 379 25.73 10.23 -4.01
C ALA B 379 26.17 10.78 -5.34
N TRP B 380 27.40 10.45 -5.72
CA TRP B 380 27.91 10.84 -7.02
C TRP B 380 27.41 9.90 -8.12
N PHE B 381 26.78 10.47 -9.15
CA PHE B 381 26.31 9.71 -10.31
C PHE B 381 27.24 10.05 -11.47
N PRO B 382 28.23 9.19 -11.74
CA PRO B 382 29.32 9.59 -12.66
C PRO B 382 28.95 9.80 -14.13
N ALA B 383 27.86 9.16 -14.56
CA ALA B 383 27.40 9.26 -15.95
C ALA B 383 26.51 10.47 -16.12
N SER B 384 25.67 10.73 -15.12
CA SER B 384 24.88 11.96 -15.07
C SER B 384 25.78 13.18 -14.81
N GLY B 385 26.95 12.97 -14.19
CA GLY B 385 27.84 14.05 -13.78
C GLY B 385 27.34 14.93 -12.64
N ALA B 386 26.63 14.34 -11.68
CA ALA B 386 25.97 15.14 -10.63
C ALA B 386 25.88 14.40 -9.31
N PHE B 387 25.81 15.18 -8.23
CA PHE B 387 25.39 14.68 -6.94
C PHE B 387 23.87 14.66 -6.86
N ARG B 388 23.31 13.53 -6.43
CA ARG B 388 21.86 13.39 -6.35
C ARG B 388 21.54 12.78 -5.00
N GLU B 389 20.55 13.35 -4.34
CA GLU B 389 20.15 12.94 -3.02
C GLU B 389 19.77 11.47 -2.98
N LEU B 390 20.39 10.72 -2.06
CA LEU B 390 20.00 9.36 -1.75
C LEU B 390 19.37 9.25 -0.37
N VAL B 391 19.74 10.15 0.54
CA VAL B 391 19.45 10.04 1.97
C VAL B 391 19.19 11.41 2.55
N SER B 392 18.20 11.52 3.45
CA SER B 392 18.08 12.69 4.32
C SER B 392 17.96 12.18 5.74
N CYS B 393 18.61 12.85 6.69
CA CYS B 393 18.48 12.52 8.12
C CYS B 393 18.15 13.80 8.87
N SER B 394 17.09 13.78 9.66
CA SER B 394 16.77 14.96 10.43
C SER B 394 16.44 14.73 11.88
N ASN B 395 16.70 15.76 12.66
CA ASN B 395 16.24 15.81 14.02
C ASN B 395 14.97 16.65 14.04
N CYS B 396 13.86 16.01 14.37
CA CYS B 396 12.58 16.71 14.49
C CYS B 396 12.26 17.04 15.94
N THR B 397 13.26 16.90 16.81
CA THR B 397 13.12 17.10 18.25
C THR B 397 11.70 16.69 18.69
N ASP B 398 10.88 17.65 19.17
CA ASP B 398 9.55 17.30 19.68
C ASP B 398 8.39 17.74 18.79
N TYR B 399 8.65 17.96 17.51
CA TYR B 399 7.62 18.44 16.59
C TYR B 399 6.56 17.38 16.26
N GLN B 400 7.00 16.15 15.94
CA GLN B 400 6.04 15.07 15.72
C GLN B 400 5.53 14.58 17.05
N SER B 401 6.40 14.51 18.05
CA SER B 401 6.02 13.93 19.33
C SER B 401 4.96 14.76 20.03
N GLN B 402 5.03 16.08 19.95
CA GLN B 402 3.92 16.90 20.50
C GLN B 402 2.61 16.68 19.73
N SER B 403 2.69 16.53 18.42
CA SER B 403 1.48 16.35 17.59
C SER B 403 0.81 15.00 17.87
N VAL B 404 1.62 13.96 18.06
CA VAL B 404 1.09 12.62 18.40
C VAL B 404 0.92 12.39 19.90
N ASN B 405 1.36 13.36 20.71
CA ASN B 405 1.27 13.29 22.17
C ASN B 405 2.07 12.12 22.76
N CYS B 406 3.36 12.06 22.42
CA CYS B 406 4.28 11.08 22.98
C CYS B 406 5.12 11.76 24.06
N ARG B 407 4.72 11.55 25.31
CA ARG B 407 5.24 12.29 26.45
C ARG B 407 6.48 11.63 27.01
N TYR B 408 7.24 12.40 27.77
CA TYR B 408 8.45 11.97 28.45
C TYR B 408 8.38 12.43 29.88
N GLY B 409 9.00 11.66 30.78
CA GLY B 409 9.22 12.09 32.15
C GLY B 409 8.32 11.38 33.11
N PRO B 410 8.42 11.71 34.41
CA PRO B 410 7.59 11.03 35.40
C PRO B 410 6.08 11.08 35.07
N ASN B 411 5.41 9.95 35.24
CA ASN B 411 3.99 9.83 34.93
C ASN B 411 3.29 9.23 36.12
N LEU B 412 2.94 10.07 37.07
CA LEU B 412 2.47 9.63 38.38
C LEU B 412 1.14 10.26 38.70
N ARG B 413 0.41 9.58 39.58
CA ARG B 413 -0.80 10.10 40.19
C ARG B 413 -0.51 11.36 40.99
N GLY B 414 -1.45 12.30 40.94
CA GLY B 414 -1.38 13.52 41.77
C GLY B 414 -0.77 14.72 41.06
N THR B 415 -0.38 14.54 39.82
CA THR B 415 0.26 15.61 39.05
C THR B 415 -0.77 16.53 38.40
N ALA B 416 -0.85 17.77 38.89
CA ALA B 416 -1.77 18.78 38.34
C ALA B 416 -1.22 19.42 37.05
N ALA B 417 -1.74 20.59 36.70
CA ALA B 417 -1.32 21.34 35.50
C ALA B 417 0.19 21.56 35.48
N GLN B 418 0.88 20.85 34.58
CA GLN B 418 2.35 20.85 34.57
C GLN B 418 2.91 22.02 33.78
N ASN B 419 3.53 22.98 34.48
CA ASN B 419 4.19 24.14 33.85
C ASN B 419 4.84 23.80 32.51
N VAL B 420 5.58 22.68 32.47
CA VAL B 420 6.12 22.18 31.22
C VAL B 420 5.81 20.69 31.10
N LYS B 421 4.99 20.37 30.10
CA LYS B 421 4.84 19.00 29.64
C LYS B 421 6.06 18.75 28.78
N GLU B 422 6.74 17.64 29.02
CA GLU B 422 7.87 17.22 28.18
C GLU B 422 7.43 16.13 27.21
N TYR B 423 8.05 16.13 26.04
CA TYR B 423 7.83 15.14 25.00
C TYR B 423 9.15 14.47 24.61
N CYS B 424 9.06 13.26 24.08
CA CYS B 424 10.24 12.58 23.56
C CYS B 424 10.77 13.35 22.37
N HIS B 425 12.01 13.11 22.01
CA HIS B 425 12.50 13.57 20.72
C HIS B 425 12.41 12.45 19.70
N MET B 426 12.18 12.79 18.44
CA MET B 426 12.15 11.83 17.36
C MET B 426 13.07 12.28 16.22
N LEU B 427 13.73 11.30 15.64
CA LEU B 427 14.57 11.53 14.49
C LEU B 427 14.21 10.51 13.44
N ASN B 428 14.46 10.86 12.19
CA ASN B 428 14.31 9.88 11.13
C ASN B 428 15.34 10.13 10.05
N GLY B 429 15.73 9.06 9.38
CA GLY B 429 16.73 9.17 8.33
C GLY B 429 16.71 7.99 7.40
N THR B 430 16.86 8.26 6.12
CA THR B 430 16.96 7.18 5.16
C THR B 430 18.21 6.37 5.42
N LEU B 431 18.09 5.05 5.43
CA LEU B 431 19.25 4.18 5.31
C LEU B 431 19.43 3.82 3.84
N CYS B 432 18.37 3.31 3.22
CA CYS B 432 18.42 2.96 1.79
C CYS B 432 17.09 3.09 1.09
N ALA B 433 17.04 4.02 0.15
CA ALA B 433 15.93 4.12 -0.81
C ALA B 433 16.34 3.26 -1.99
N ILE B 434 15.64 2.15 -2.16
CA ILE B 434 16.13 1.04 -2.96
C ILE B 434 16.28 1.36 -4.47
N THR B 435 15.29 1.96 -5.10
CA THR B 435 15.40 2.22 -6.54
C THR B 435 16.49 3.26 -6.86
N ARG B 436 16.61 4.31 -6.05
CA ARG B 436 17.66 5.30 -6.31
C ARG B 436 19.05 4.75 -6.07
N THR B 437 19.21 3.92 -5.06
CA THR B 437 20.47 3.24 -4.81
C THR B 437 20.81 2.30 -5.96
N MET B 438 19.82 1.56 -6.48
CA MET B 438 20.05 0.76 -7.69
C MET B 438 20.53 1.63 -8.85
N CYS B 439 19.95 2.79 -9.06
CA CYS B 439 20.40 3.67 -10.14
C CYS B 439 21.87 4.10 -9.93
N CYS B 440 22.20 4.43 -8.68
CA CYS B 440 23.56 4.83 -8.32
C CYS B 440 24.57 3.71 -8.54
N ILE B 441 24.21 2.49 -8.12
CA ILE B 441 25.04 1.31 -8.32
C ILE B 441 25.25 1.03 -9.80
N CYS B 442 24.18 1.11 -10.60
CA CYS B 442 24.29 0.87 -12.03
C CYS B 442 25.30 1.81 -12.67
N GLU B 443 25.27 3.10 -12.31
CA GLU B 443 26.21 4.04 -12.93
C GLU B 443 27.65 3.81 -12.47
N ASN B 444 27.83 3.55 -11.18
CA ASN B 444 29.15 3.42 -10.59
C ASN B 444 29.82 2.05 -10.88
N TYR B 445 29.01 1.02 -11.12
CA TYR B 445 29.52 -0.35 -11.32
C TYR B 445 29.40 -0.88 -12.75
N GLN B 446 29.07 -0.02 -13.71
CA GLN B 446 28.92 -0.45 -15.08
C GLN B 446 30.25 -0.88 -15.67
N THR B 447 30.19 -1.86 -16.57
CA THR B 447 31.35 -2.23 -17.38
C THR B 447 30.78 -2.43 -18.76
N GLU B 448 31.64 -2.76 -19.71
CA GLU B 448 31.24 -3.09 -21.06
C GLU B 448 30.15 -4.18 -21.17
N GLU B 449 30.21 -5.16 -20.27
CA GLU B 449 29.33 -6.34 -20.30
C GLU B 449 28.06 -6.23 -19.44
N GLY B 450 28.01 -5.28 -18.51
CA GLY B 450 26.84 -5.14 -17.63
C GLY B 450 27.15 -4.35 -16.37
N VAL B 451 26.53 -4.73 -15.26
CA VAL B 451 26.73 -4.08 -13.98
C VAL B 451 27.34 -5.05 -12.98
N VAL B 452 28.49 -4.69 -12.41
CA VAL B 452 29.15 -5.51 -11.40
C VAL B 452 28.37 -5.33 -10.12
N ILE B 453 28.14 -6.42 -9.39
CA ILE B 453 27.45 -6.39 -8.11
C ILE B 453 28.47 -6.03 -7.02
N PRO B 454 28.18 -5.00 -6.23
CA PRO B 454 29.03 -4.68 -5.09
C PRO B 454 29.28 -5.89 -4.19
N ASP B 455 30.51 -6.05 -3.75
CA ASP B 455 30.92 -7.22 -2.96
C ASP B 455 29.93 -7.58 -1.86
N VAL B 456 29.53 -6.59 -1.06
CA VAL B 456 28.70 -6.89 0.10
C VAL B 456 27.31 -7.43 -0.24
N LEU B 457 26.82 -7.16 -1.43
CA LEU B 457 25.49 -7.64 -1.84
C LEU B 457 25.49 -9.03 -2.46
N ARG B 458 26.64 -9.53 -2.87
CA ARG B 458 26.69 -10.80 -3.58
C ARG B 458 26.07 -11.97 -2.79
N PRO B 459 26.42 -12.12 -1.50
CA PRO B 459 25.80 -13.21 -0.72
C PRO B 459 24.28 -13.05 -0.58
N TYR B 460 23.77 -11.84 -0.79
CA TYR B 460 22.33 -11.59 -0.71
C TYR B 460 21.63 -11.78 -2.06
N MET B 461 22.40 -12.13 -3.10
CA MET B 461 21.81 -12.50 -4.39
C MET B 461 22.55 -13.67 -5.04
N MET B 462 22.55 -14.77 -4.31
CA MET B 462 23.00 -16.09 -4.76
C MET B 462 24.44 -16.08 -5.27
N GLY B 463 25.26 -15.17 -4.75
CA GLY B 463 26.64 -15.07 -5.14
C GLY B 463 26.89 -14.49 -6.51
N ILE B 464 25.86 -13.86 -7.12
CA ILE B 464 25.98 -13.35 -8.47
C ILE B 464 26.98 -12.18 -8.46
N GLU B 465 27.93 -12.18 -9.40
CA GLU B 465 28.99 -11.17 -9.43
C GLU B 465 28.70 -10.02 -10.42
N MET B 466 27.82 -10.28 -11.38
CA MET B 466 27.49 -9.30 -12.41
C MET B 466 26.15 -9.67 -13.05
N ILE B 467 25.37 -8.64 -13.36
CA ILE B 467 24.19 -8.80 -14.20
C ILE B 467 24.53 -8.22 -15.57
N ARG B 468 24.17 -8.96 -16.61
CA ARG B 468 24.70 -8.74 -17.94
C ARG B 468 23.71 -8.07 -18.84
N PHE B 469 24.21 -7.23 -19.75
CA PHE B 469 23.38 -6.63 -20.77
C PHE B 469 22.82 -7.72 -21.68
N GLU B 470 21.63 -7.47 -22.22
CA GLU B 470 21.00 -8.38 -23.17
C GLU B 470 21.92 -8.65 -24.37
#